data_6WYH
#
_entry.id   6WYH
#
_cell.length_a   128.880
_cell.length_b   128.880
_cell.length_c   291.810
_cell.angle_alpha   90.000
_cell.angle_beta   90.000
_cell.angle_gamma   120.000
#
_symmetry.space_group_name_H-M   'H 3 2'
#
loop_
_entity.id
_entity.type
_entity.pdbx_description
1 polymer 'Ferritin heavy chain'
2 non-polymer 'FE (III) ION'
3 non-polymer 'butyl 1-{[2-(2,5-dioxopyrrolidin-1-yl)ethyl]amino}-2-methyl-1-oxopropan-2-yl carbonotrithioate'
4 non-polymer 'CALCIUM ION'
5 water water
#
_entity_poly.entity_id   1
_entity_poly.type   'polypeptide(L)'
_entity_poly.pdbx_seq_one_letter_code
;TTASTSQVRQNYHQDSEAAINRQINLELYASYVYLSMSYYFDRDDVALKNFAKYFLHQSHEEREHAEKLMKLQNQRGGRI
FLQDIQKPDEDDWESGLNAMEAALHLEKNVNQSLLELHKLATDKNDPHLADFIETHYLNEQVKAIKELGDHVTNLRCMGA
PESGLAEYLFDKHTLGDSDNES
;
_entity_poly.pdbx_strand_id   A,B,C,D
#
# COMPACT_ATOMS: atom_id res chain seq x y z
N SER A 4 -39.48 -43.27 -18.87
CA SER A 4 -38.34 -42.49 -19.35
C SER A 4 -38.68 -41.66 -20.58
N THR A 5 -37.66 -41.42 -21.42
CA THR A 5 -37.61 -40.41 -22.48
C THR A 5 -38.49 -39.18 -22.23
N SER A 6 -37.84 -38.07 -21.96
CA SER A 6 -38.52 -36.83 -21.62
C SER A 6 -39.28 -36.28 -22.82
N GLN A 7 -40.33 -35.51 -22.53
CA GLN A 7 -41.08 -34.82 -23.59
C GLN A 7 -40.25 -33.72 -24.27
N VAL A 8 -39.23 -33.20 -23.59
CA VAL A 8 -38.39 -32.15 -24.17
C VAL A 8 -37.14 -32.69 -24.82
N ARG A 9 -36.84 -33.98 -24.65
CA ARG A 9 -35.54 -34.51 -25.07
C ARG A 9 -35.43 -34.54 -26.59
N GLN A 10 -34.29 -34.05 -27.09
CA GLN A 10 -34.01 -34.06 -28.52
C GLN A 10 -32.51 -33.94 -28.74
N ASN A 11 -31.95 -34.87 -29.53
CA ASN A 11 -30.54 -34.86 -29.93
C ASN A 11 -29.60 -34.90 -28.74
N TYR A 12 -30.02 -35.55 -27.65
CA TYR A 12 -29.27 -35.59 -26.40
C TYR A 12 -28.91 -37.03 -26.10
N HIS A 13 -27.66 -37.40 -26.41
CA HIS A 13 -27.21 -38.77 -26.29
C HIS A 13 -27.05 -39.18 -24.82
N GLN A 14 -27.25 -40.47 -24.56
CA GLN A 14 -27.13 -40.99 -23.19
C GLN A 14 -25.71 -40.83 -22.66
N ASP A 15 -24.71 -40.95 -23.53
CA ASP A 15 -23.33 -40.70 -23.11
C ASP A 15 -23.16 -39.27 -22.64
N SER A 16 -23.85 -38.33 -23.30
CA SER A 16 -23.79 -36.93 -22.90
C SER A 16 -24.42 -36.73 -21.53
N GLU A 17 -25.60 -37.32 -21.31
CA GLU A 17 -26.27 -37.23 -20.02
C GLU A 17 -25.37 -37.76 -18.90
N ALA A 18 -24.73 -38.90 -19.14
CA ALA A 18 -23.83 -39.48 -18.14
C ALA A 18 -22.63 -38.57 -17.89
N ALA A 19 -22.01 -38.05 -18.96
CA ALA A 19 -20.86 -37.16 -18.79
C ALA A 19 -21.25 -35.88 -18.04
N ILE A 20 -22.46 -35.40 -18.24
CA ILE A 20 -22.92 -34.22 -17.50
C ILE A 20 -23.04 -34.54 -16.01
N ASN A 21 -23.58 -35.72 -15.68
CA ASN A 21 -23.65 -36.10 -14.27
C ASN A 21 -22.26 -36.19 -13.63
N ARG A 22 -21.31 -36.78 -14.36
CA ARG A 22 -19.92 -36.82 -13.89
C ARG A 22 -19.38 -35.40 -13.65
N GLN A 23 -19.63 -34.49 -14.60
CA GLN A 23 -19.10 -33.14 -14.48
C GLN A 23 -19.74 -32.38 -13.33
N ILE A 24 -21.03 -32.60 -13.08
CA ILE A 24 -21.69 -32.03 -11.90
C ILE A 24 -20.93 -32.45 -10.64
N ASN A 25 -20.65 -33.75 -10.51
CA ASN A 25 -19.91 -34.18 -9.31
C ASN A 25 -18.53 -33.56 -9.25
N LEU A 26 -17.86 -33.43 -10.41
CA LEU A 26 -16.53 -32.84 -10.45
C LEU A 26 -16.54 -31.39 -9.95
N GLU A 27 -17.51 -30.60 -10.42
CA GLU A 27 -17.59 -29.21 -9.97
C GLU A 27 -17.91 -29.14 -8.47
N LEU A 28 -18.79 -30.01 -7.98
CA LEU A 28 -19.05 -30.04 -6.53
C LEU A 28 -17.77 -30.37 -5.76
N TYR A 29 -16.97 -31.31 -6.27
CA TYR A 29 -15.71 -31.66 -5.62
C TYR A 29 -14.75 -30.48 -5.60
N ALA A 30 -14.63 -29.77 -6.72
CA ALA A 30 -13.78 -28.58 -6.74
C ALA A 30 -14.27 -27.54 -5.72
N SER A 31 -15.59 -27.40 -5.58
CA SER A 31 -16.11 -26.45 -4.59
C SER A 31 -15.71 -26.87 -3.19
N TYR A 32 -15.71 -28.18 -2.92
CA TYR A 32 -15.27 -28.70 -1.63
C TYR A 32 -13.78 -28.47 -1.39
N VAL A 33 -12.96 -28.71 -2.40
CA VAL A 33 -11.51 -28.47 -2.27
C VAL A 33 -11.27 -26.99 -1.95
N TYR A 34 -11.95 -26.10 -2.66
CA TYR A 34 -11.77 -24.66 -2.43
C TYR A 34 -12.24 -24.24 -1.04
N LEU A 35 -13.37 -24.81 -0.57
CA LEU A 35 -13.82 -24.51 0.79
C LEU A 35 -12.80 -24.93 1.83
N SER A 36 -12.18 -26.11 1.62
CA SER A 36 -11.17 -26.59 2.56
C SER A 36 -9.94 -25.68 2.56
N MET A 37 -9.46 -25.28 1.38
CA MET A 37 -8.35 -24.33 1.32
C MET A 37 -8.70 -23.03 2.04
N SER A 38 -9.89 -22.51 1.77
CA SER A 38 -10.29 -21.25 2.35
C SER A 38 -10.16 -21.31 3.86
N TYR A 39 -10.82 -22.29 4.48
CA TYR A 39 -10.75 -22.31 5.94
C TYR A 39 -9.41 -22.80 6.48
N TYR A 40 -8.57 -23.42 5.66
CA TYR A 40 -7.20 -23.64 6.10
C TYR A 40 -6.49 -22.30 6.33
N PHE A 41 -6.69 -21.34 5.42
CA PHE A 41 -6.05 -20.05 5.64
C PHE A 41 -6.73 -19.19 6.72
N ASP A 42 -7.87 -19.63 7.25
CA ASP A 42 -8.53 -18.97 8.37
C ASP A 42 -7.99 -19.42 9.73
N ARG A 43 -7.13 -20.44 9.77
CA ARG A 43 -6.59 -20.93 11.04
C ARG A 43 -5.79 -19.85 11.74
N ASP A 44 -5.80 -19.88 13.08
CA ASP A 44 -5.05 -18.89 13.84
C ASP A 44 -3.54 -19.01 13.63
N ASP A 45 -3.04 -20.17 13.18
CA ASP A 45 -1.62 -20.35 12.93
C ASP A 45 -1.27 -20.21 11.45
N VAL A 46 -2.20 -19.74 10.63
CA VAL A 46 -1.92 -19.38 9.24
C VAL A 46 -2.33 -17.93 9.04
N ALA A 47 -3.64 -17.65 9.10
CA ALA A 47 -4.17 -16.29 9.24
C ALA A 47 -3.81 -15.40 8.04
N LEU A 48 -4.05 -15.91 6.84
CA LEU A 48 -3.97 -15.12 5.61
C LEU A 48 -5.40 -14.93 5.11
N LYS A 49 -5.99 -13.78 5.47
CA LYS A 49 -7.42 -13.58 5.32
C LYS A 49 -7.83 -13.37 3.87
N ASN A 50 -6.96 -12.79 3.05
CA ASN A 50 -7.30 -12.60 1.65
C ASN A 50 -7.12 -13.88 0.84
N PHE A 51 -6.13 -14.71 1.18
CA PHE A 51 -6.09 -16.08 0.65
C PHE A 51 -7.39 -16.81 0.96
N ALA A 52 -7.85 -16.71 2.21
CA ALA A 52 -9.08 -17.39 2.63
C ALA A 52 -10.28 -16.89 1.84
N LYS A 53 -10.39 -15.56 1.66
CA LYS A 53 -11.51 -15.01 0.91
C LYS A 53 -11.44 -15.42 -0.56
N TYR A 54 -10.25 -15.36 -1.17
CA TYR A 54 -10.06 -15.79 -2.55
C TYR A 54 -10.57 -17.21 -2.76
N PHE A 55 -10.15 -18.13 -1.88
CA PHE A 55 -10.56 -19.53 -2.06
C PHE A 55 -12.03 -19.75 -1.73
N LEU A 56 -12.61 -18.97 -0.81
CA LEU A 56 -14.04 -19.08 -0.55
C LEU A 56 -14.86 -18.63 -1.75
N HIS A 57 -14.43 -17.53 -2.39
CA HIS A 57 -15.08 -17.06 -3.60
C HIS A 57 -15.02 -18.11 -4.70
N GLN A 58 -13.84 -18.72 -4.89
CA GLN A 58 -13.75 -19.80 -5.87
C GLN A 58 -14.69 -20.94 -5.52
N SER A 59 -14.80 -21.28 -4.23
CA SER A 59 -15.72 -22.35 -3.81
C SER A 59 -17.15 -22.05 -4.25
N HIS A 60 -17.62 -20.84 -3.95
CA HIS A 60 -19.01 -20.49 -4.31
C HIS A 60 -19.21 -20.47 -5.81
N GLU A 61 -18.19 -20.04 -6.58
CA GLU A 61 -18.36 -20.04 -8.03
C GLU A 61 -18.42 -21.46 -8.59
N GLU A 62 -17.62 -22.38 -8.04
CA GLU A 62 -17.71 -23.76 -8.49
C GLU A 62 -19.07 -24.36 -8.14
N ARG A 63 -19.61 -24.03 -6.97
CA ARG A 63 -20.97 -24.45 -6.66
C ARG A 63 -21.96 -23.92 -7.70
N GLU A 64 -21.76 -22.67 -8.13
CA GLU A 64 -22.65 -22.10 -9.15
C GLU A 64 -22.52 -22.83 -10.49
N HIS A 65 -21.29 -23.19 -10.88
CA HIS A 65 -21.11 -23.98 -12.10
C HIS A 65 -21.81 -25.33 -12.00
N ALA A 66 -21.71 -25.99 -10.85
CA ALA A 66 -22.42 -27.25 -10.66
C ALA A 66 -23.92 -27.07 -10.83
N GLU A 67 -24.50 -26.05 -10.18
CA GLU A 67 -25.94 -25.81 -10.32
C GLU A 67 -26.32 -25.49 -11.76
N LYS A 68 -25.43 -24.81 -12.50
CA LYS A 68 -25.73 -24.51 -13.90
C LYS A 68 -25.74 -25.79 -14.73
N LEU A 69 -24.83 -26.72 -14.43
CA LEU A 69 -24.86 -28.01 -15.12
C LEU A 69 -26.12 -28.79 -14.79
N MET A 70 -26.61 -28.68 -13.55
CA MET A 70 -27.86 -29.36 -13.21
C MET A 70 -29.04 -28.76 -13.97
N LYS A 71 -29.06 -27.43 -14.09
CA LYS A 71 -30.06 -26.76 -14.91
C LYS A 71 -29.97 -27.23 -16.36
N LEU A 72 -28.77 -27.31 -16.90
CA LEU A 72 -28.58 -27.83 -18.26
C LEU A 72 -29.17 -29.21 -18.40
N GLN A 73 -28.84 -30.10 -17.45
CA GLN A 73 -29.33 -31.47 -17.49
C GLN A 73 -30.85 -31.50 -17.58
N ASN A 74 -31.52 -30.73 -16.72
CA ASN A 74 -32.98 -30.71 -16.78
C ASN A 74 -33.48 -30.06 -18.07
N GLN A 75 -32.75 -29.06 -18.58
CA GLN A 75 -33.16 -28.38 -19.81
C GLN A 75 -33.21 -29.34 -20.98
N ARG A 76 -32.19 -30.18 -21.12
CA ARG A 76 -32.09 -31.10 -22.24
C ARG A 76 -32.94 -32.35 -22.06
N GLY A 77 -33.57 -32.53 -20.91
CA GLY A 77 -34.39 -33.69 -20.65
C GLY A 77 -33.65 -34.86 -20.05
N GLY A 78 -32.40 -34.67 -19.63
CA GLY A 78 -31.69 -35.69 -18.89
C GLY A 78 -32.10 -35.71 -17.43
N ARG A 79 -31.63 -36.73 -16.73
CA ARG A 79 -31.99 -36.95 -15.34
C ARG A 79 -30.75 -36.85 -14.46
N ILE A 80 -30.79 -35.95 -13.48
CA ILE A 80 -29.68 -35.77 -12.56
C ILE A 80 -29.59 -36.98 -11.64
N PHE A 81 -28.38 -37.52 -11.49
CA PHE A 81 -28.08 -38.55 -10.51
C PHE A 81 -26.82 -38.12 -9.77
N LEU A 82 -26.94 -37.88 -8.49
CA LEU A 82 -25.82 -37.36 -7.71
C LEU A 82 -25.03 -38.48 -7.07
N GLN A 83 -23.76 -38.19 -6.80
CA GLN A 83 -22.88 -39.13 -6.14
C GLN A 83 -22.19 -38.41 -4.98
N ASP A 84 -21.60 -39.20 -4.08
CA ASP A 84 -20.87 -38.63 -2.96
C ASP A 84 -19.89 -37.57 -3.43
N ILE A 85 -19.73 -36.53 -2.61
CA ILE A 85 -18.69 -35.54 -2.82
C ILE A 85 -17.50 -35.98 -1.97
N GLN A 86 -16.45 -36.47 -2.63
CA GLN A 86 -15.28 -36.94 -1.91
C GLN A 86 -14.59 -35.78 -1.21
N LYS A 87 -14.09 -36.04 0.00
CA LYS A 87 -13.31 -35.04 0.70
C LYS A 87 -12.00 -34.78 -0.04
N PRO A 88 -11.45 -33.58 0.08
CA PRO A 88 -10.20 -33.26 -0.62
C PRO A 88 -9.07 -34.19 -0.20
N ASP A 89 -8.03 -34.21 -1.04
CA ASP A 89 -6.89 -35.11 -0.84
C ASP A 89 -6.01 -34.70 0.33
N GLU A 90 -6.14 -33.46 0.82
CA GLU A 90 -5.36 -32.99 1.95
C GLU A 90 -6.29 -32.32 2.96
N ASP A 91 -5.84 -32.29 4.20
CA ASP A 91 -6.41 -31.43 5.22
C ASP A 91 -5.57 -30.19 5.49
N ASP A 92 -4.25 -30.33 5.39
CA ASP A 92 -3.30 -29.25 5.59
C ASP A 92 -2.75 -28.84 4.23
N TRP A 93 -2.91 -27.57 3.88
CA TRP A 93 -2.49 -27.09 2.57
C TRP A 93 -1.15 -26.37 2.59
N GLU A 94 -0.43 -26.42 3.71
CA GLU A 94 0.99 -26.08 3.82
C GLU A 94 1.30 -24.59 3.72
N SER A 95 0.87 -23.92 2.65
CA SER A 95 1.25 -22.54 2.39
C SER A 95 0.35 -21.98 1.30
N GLY A 96 0.43 -20.66 1.11
CA GLY A 96 -0.30 -20.03 0.03
C GLY A 96 0.20 -20.45 -1.34
N LEU A 97 1.52 -20.57 -1.50
CA LEU A 97 2.07 -21.04 -2.76
C LEU A 97 1.63 -22.47 -3.07
N ASN A 98 1.68 -23.36 -2.07
CA ASN A 98 1.29 -24.75 -2.31
C ASN A 98 -0.20 -24.85 -2.61
N ALA A 99 -1.03 -24.06 -1.92
CA ALA A 99 -2.45 -24.04 -2.23
C ALA A 99 -2.70 -23.57 -3.65
N MET A 100 -2.02 -22.49 -4.08
CA MET A 100 -2.18 -22.01 -5.46
C MET A 100 -1.75 -23.07 -6.47
N GLU A 101 -0.66 -23.79 -6.18
CA GLU A 101 -0.21 -24.85 -7.08
C GLU A 101 -1.23 -25.98 -7.16
N ALA A 102 -1.78 -26.39 -6.01
CA ALA A 102 -2.81 -27.42 -6.02
C ALA A 102 -4.05 -26.96 -6.78
N ALA A 103 -4.38 -25.68 -6.66
CA ALA A 103 -5.54 -25.13 -7.37
C ALA A 103 -5.30 -25.12 -8.88
N LEU A 104 -4.11 -24.73 -9.32
CA LEU A 104 -3.77 -24.81 -10.73
C LEU A 104 -3.88 -26.24 -11.25
N HIS A 105 -3.36 -27.21 -10.49
CA HIS A 105 -3.49 -28.60 -10.89
C HIS A 105 -4.95 -29.02 -11.01
N LEU A 106 -5.76 -28.67 -10.02
CA LEU A 106 -7.18 -29.01 -10.04
C LEU A 106 -7.88 -28.38 -11.24
N GLU A 107 -7.61 -27.09 -11.49
CA GLU A 107 -8.26 -26.39 -12.60
C GLU A 107 -7.88 -27.01 -13.92
N LYS A 108 -6.63 -27.44 -14.07
CA LYS A 108 -6.25 -28.09 -15.32
C LYS A 108 -6.92 -29.46 -15.47
N ASN A 109 -7.09 -30.19 -14.37
CA ASN A 109 -7.81 -31.47 -14.46
C ASN A 109 -9.27 -31.27 -14.84
N VAL A 110 -9.93 -30.29 -14.22
CA VAL A 110 -11.30 -29.95 -14.59
C VAL A 110 -11.38 -29.51 -16.05
N ASN A 111 -10.39 -28.75 -16.52
CA ASN A 111 -10.37 -28.32 -17.92
C ASN A 111 -10.21 -29.51 -18.86
N GLN A 112 -9.36 -30.47 -18.50
CA GLN A 112 -9.22 -31.67 -19.32
C GLN A 112 -10.53 -32.42 -19.42
N SER A 113 -11.26 -32.51 -18.30
CA SER A 113 -12.55 -33.18 -18.35
C SER A 113 -13.56 -32.38 -19.20
N LEU A 114 -13.55 -31.05 -19.09
CA LEU A 114 -14.42 -30.24 -19.92
C LEU A 114 -14.10 -30.40 -21.41
N LEU A 115 -12.82 -30.53 -21.74
CA LEU A 115 -12.43 -30.74 -23.14
C LEU A 115 -12.88 -32.10 -23.63
N GLU A 116 -12.80 -33.13 -22.77
CA GLU A 116 -13.35 -34.44 -23.14
C GLU A 116 -14.86 -34.35 -23.35
N LEU A 117 -15.55 -33.59 -22.52
CA LEU A 117 -17.00 -33.43 -22.68
C LEU A 117 -17.32 -32.71 -23.99
N HIS A 118 -16.51 -31.72 -24.37
CA HIS A 118 -16.72 -31.04 -25.64
C HIS A 118 -16.46 -31.97 -26.82
N LYS A 119 -15.40 -32.77 -26.74
CA LYS A 119 -15.15 -33.76 -27.79
C LYS A 119 -16.31 -34.73 -27.90
N LEU A 120 -16.86 -35.16 -26.76
CA LEU A 120 -18.03 -36.04 -26.75
C LEU A 120 -19.22 -35.37 -27.43
N ALA A 121 -19.48 -34.11 -27.10
CA ALA A 121 -20.59 -33.38 -27.70
C ALA A 121 -20.41 -33.27 -29.21
N THR A 122 -19.20 -32.95 -29.65
CA THR A 122 -18.92 -32.87 -31.08
C THR A 122 -19.11 -34.23 -31.76
N ASP A 123 -18.63 -35.30 -31.14
CA ASP A 123 -18.71 -36.62 -31.75
C ASP A 123 -20.15 -37.10 -31.85
N LYS A 124 -21.02 -36.66 -30.95
CA LYS A 124 -22.43 -37.00 -30.98
C LYS A 124 -23.25 -35.99 -31.75
N ASN A 125 -22.60 -35.06 -32.45
CA ASN A 125 -23.27 -34.04 -33.25
C ASN A 125 -24.31 -33.30 -32.42
N ASP A 126 -23.89 -32.86 -31.24
CA ASP A 126 -24.73 -32.09 -30.33
C ASP A 126 -24.23 -30.65 -30.28
N PRO A 127 -24.58 -29.80 -31.23
CA PRO A 127 -24.03 -28.43 -31.23
C PRO A 127 -24.51 -27.60 -30.04
N HIS A 128 -25.70 -27.85 -29.50
CA HIS A 128 -26.14 -27.07 -28.36
C HIS A 128 -25.28 -27.35 -27.13
N LEU A 129 -24.96 -28.63 -26.88
CA LEU A 129 -24.13 -28.96 -25.73
C LEU A 129 -22.70 -28.44 -25.92
N ALA A 130 -22.15 -28.59 -27.13
CA ALA A 130 -20.81 -28.09 -27.40
C ALA A 130 -20.75 -26.58 -27.22
N ASP A 131 -21.75 -25.87 -27.72
CA ASP A 131 -21.78 -24.41 -27.58
C ASP A 131 -21.95 -24.01 -26.11
N PHE A 132 -22.77 -24.75 -25.35
CA PHE A 132 -22.90 -24.48 -23.93
C PHE A 132 -21.56 -24.59 -23.22
N ILE A 133 -20.83 -25.67 -23.50
CA ILE A 133 -19.52 -25.87 -22.89
C ILE A 133 -18.56 -24.74 -23.28
N GLU A 134 -18.55 -24.35 -24.56
CA GLU A 134 -17.69 -23.26 -25.02
C GLU A 134 -18.05 -21.94 -24.35
N THR A 135 -19.35 -21.70 -24.15
CA THR A 135 -19.81 -20.39 -23.70
C THR A 135 -19.59 -20.20 -22.20
N HIS A 136 -19.89 -21.21 -21.40
CA HIS A 136 -19.89 -21.03 -19.95
C HIS A 136 -18.70 -21.67 -19.24
N TYR A 137 -17.89 -22.48 -19.91
CA TYR A 137 -16.86 -23.17 -19.15
C TYR A 137 -15.46 -23.03 -19.71
N LEU A 138 -15.29 -23.11 -21.04
CA LEU A 138 -13.95 -23.22 -21.60
C LEU A 138 -13.13 -21.94 -21.36
N ASN A 139 -13.69 -20.78 -21.69
CA ASN A 139 -12.93 -19.55 -21.50
C ASN A 139 -12.76 -19.23 -20.02
N GLU A 140 -13.79 -19.50 -19.21
CA GLU A 140 -13.65 -19.30 -17.77
C GLU A 140 -12.51 -20.14 -17.22
N GLN A 141 -12.36 -21.37 -17.70
CA GLN A 141 -11.29 -22.23 -17.21
C GLN A 141 -9.93 -21.76 -17.70
N VAL A 142 -9.83 -21.29 -18.95
CA VAL A 142 -8.57 -20.74 -19.43
C VAL A 142 -8.17 -19.51 -18.63
N LYS A 143 -9.15 -18.64 -18.32
CA LYS A 143 -8.85 -17.45 -17.53
C LYS A 143 -8.40 -17.82 -16.12
N ALA A 144 -9.09 -18.77 -15.49
CA ALA A 144 -8.71 -19.19 -14.14
C ALA A 144 -7.31 -19.78 -14.13
N ILE A 145 -6.98 -20.60 -15.14
CA ILE A 145 -5.66 -21.21 -15.20
C ILE A 145 -4.59 -20.13 -15.40
N LYS A 146 -4.86 -19.15 -16.27
CA LYS A 146 -3.90 -18.06 -16.44
C LYS A 146 -3.69 -17.30 -15.14
N GLU A 147 -4.78 -16.97 -14.44
CA GLU A 147 -4.66 -16.22 -13.19
C GLU A 147 -3.89 -17.00 -12.14
N LEU A 148 -4.20 -18.29 -11.98
CA LEU A 148 -3.48 -19.09 -10.99
C LEU A 148 -2.01 -19.20 -11.35
N GLY A 149 -1.70 -19.33 -12.65
CA GLY A 149 -0.31 -19.35 -13.06
C GLY A 149 0.40 -18.05 -12.73
N ASP A 150 -0.26 -16.91 -13.02
CA ASP A 150 0.27 -15.61 -12.65
C ASP A 150 0.60 -15.56 -11.16
N HIS A 151 -0.34 -16.04 -10.32
CA HIS A 151 -0.15 -15.97 -8.88
C HIS A 151 1.01 -16.86 -8.42
N VAL A 152 1.11 -18.07 -8.98
CA VAL A 152 2.22 -18.95 -8.63
C VAL A 152 3.54 -18.30 -9.04
N THR A 153 3.60 -17.73 -10.24
CA THR A 153 4.82 -17.04 -10.69
C THR A 153 5.20 -15.93 -9.72
N ASN A 154 4.24 -15.08 -9.35
CA ASN A 154 4.54 -13.95 -8.48
C ASN A 154 4.98 -14.42 -7.10
N LEU A 155 4.35 -15.47 -6.57
CA LEU A 155 4.71 -15.96 -5.24
C LEU A 155 6.11 -16.57 -5.24
N ARG A 156 6.42 -17.40 -6.24
CA ARG A 156 7.78 -17.93 -6.35
CA ARG A 156 7.78 -17.93 -6.36
C ARG A 156 8.78 -16.78 -6.50
N CYS A 157 8.44 -15.79 -7.31
CA CYS A 157 9.33 -14.67 -7.56
C CYS A 157 9.62 -13.87 -6.28
N MET A 158 8.59 -13.63 -5.46
CA MET A 158 8.79 -12.89 -4.23
C MET A 158 9.61 -13.66 -3.19
N GLY A 159 9.90 -14.93 -3.45
CA GLY A 159 10.63 -15.76 -2.52
C GLY A 159 9.80 -16.70 -1.67
N ALA A 160 8.53 -16.89 -2.00
CA ALA A 160 7.72 -17.85 -1.26
C ALA A 160 8.14 -19.27 -1.62
N PRO A 161 7.96 -20.24 -0.71
CA PRO A 161 7.36 -20.10 0.62
C PRO A 161 8.39 -19.85 1.73
N GLU A 162 9.68 -19.89 1.38
CA GLU A 162 10.73 -19.66 2.38
C GLU A 162 10.59 -18.31 3.05
N SER A 163 10.00 -17.33 2.36
CA SER A 163 9.80 -15.99 2.90
C SER A 163 8.33 -15.83 3.31
N GLY A 164 8.07 -15.84 4.63
CA GLY A 164 6.73 -15.56 5.10
C GLY A 164 6.29 -14.14 4.81
N LEU A 165 7.25 -13.21 4.76
CA LEU A 165 6.94 -11.84 4.36
C LEU A 165 6.38 -11.79 2.95
N ALA A 166 6.87 -12.66 2.07
CA ALA A 166 6.38 -12.69 0.70
C ALA A 166 4.90 -13.05 0.65
N GLU A 167 4.50 -14.09 1.39
CA GLU A 167 3.08 -14.46 1.38
C GLU A 167 2.23 -13.40 2.06
N TYR A 168 2.73 -12.80 3.14
CA TYR A 168 2.02 -11.70 3.78
C TYR A 168 1.75 -10.56 2.79
N LEU A 169 2.80 -10.15 2.06
CA LEU A 169 2.66 -9.02 1.15
C LEU A 169 1.83 -9.38 -0.07
N PHE A 170 1.93 -10.61 -0.55
CA PHE A 170 1.09 -11.03 -1.67
C PHE A 170 -0.37 -11.06 -1.27
N ASP A 171 -0.64 -11.48 -0.03
CA ASP A 171 -2.01 -11.46 0.46
C ASP A 171 -2.53 -10.04 0.57
N LYS A 172 -1.68 -9.09 0.98
CA LYS A 172 -2.14 -7.71 1.12
C LYS A 172 -2.31 -7.03 -0.24
N HIS A 173 -1.33 -7.15 -1.13
CA HIS A 173 -1.20 -6.30 -2.31
C HIS A 173 -1.83 -6.89 -3.57
N THR A 174 -1.90 -8.21 -3.71
CA THR A 174 -2.52 -8.83 -4.87
C THR A 174 -3.89 -9.40 -4.57
N LEU A 175 -4.01 -10.22 -3.53
CA LEU A 175 -5.32 -10.77 -3.14
C LEU A 175 -6.16 -9.76 -2.38
N GLY A 176 -5.56 -8.70 -1.86
CA GLY A 176 -6.30 -7.67 -1.15
C GLY A 176 -6.92 -6.65 -2.10
N SER B 4 4.55 17.26 -58.71
CA SER B 4 4.13 18.65 -58.78
C SER B 4 4.56 19.41 -57.53
N THR B 5 3.84 20.48 -57.23
CA THR B 5 4.06 21.26 -56.01
C THR B 5 2.70 21.57 -55.38
N SER B 6 2.63 21.45 -54.06
CA SER B 6 1.37 21.66 -53.36
C SER B 6 0.97 23.13 -53.35
N GLN B 7 -0.35 23.37 -53.48
CA GLN B 7 -0.90 24.72 -53.39
C GLN B 7 -0.64 25.37 -52.03
N VAL B 8 -0.35 24.58 -51.00
CA VAL B 8 -0.14 25.11 -49.66
C VAL B 8 1.34 25.21 -49.29
N ARG B 9 2.23 24.59 -50.05
CA ARG B 9 3.62 24.51 -49.64
C ARG B 9 4.26 25.89 -49.60
N GLN B 10 4.97 26.18 -48.51
CA GLN B 10 5.65 27.47 -48.38
C GLN B 10 6.76 27.33 -47.36
N ASN B 11 7.99 27.58 -47.79
CA ASN B 11 9.19 27.55 -46.94
C ASN B 11 9.41 26.19 -46.32
N TYR B 12 9.05 25.14 -47.05
CA TYR B 12 9.15 23.76 -46.59
C TYR B 12 10.16 23.05 -47.49
N HIS B 13 11.39 22.92 -46.99
CA HIS B 13 12.48 22.32 -47.74
C HIS B 13 12.29 20.81 -47.88
N GLN B 14 12.77 20.26 -49.00
CA GLN B 14 12.60 18.84 -49.25
CA GLN B 14 12.61 18.83 -49.25
C GLN B 14 13.35 17.98 -48.23
N ASP B 15 14.46 18.49 -47.70
CA ASP B 15 15.17 17.75 -46.65
C ASP B 15 14.33 17.65 -45.38
N SER B 16 13.54 18.70 -45.10
CA SER B 16 12.63 18.66 -43.95
C SER B 16 11.54 17.63 -44.15
N GLU B 17 10.90 17.64 -45.32
CA GLU B 17 9.89 16.64 -45.66
C GLU B 17 10.44 15.22 -45.50
N ALA B 18 11.64 14.97 -46.02
CA ALA B 18 12.23 13.64 -45.90
C ALA B 18 12.50 13.27 -44.44
N ALA B 19 13.06 14.21 -43.67
CA ALA B 19 13.34 13.94 -42.26
C ALA B 19 12.05 13.68 -41.47
N ILE B 20 10.95 14.32 -41.88
CA ILE B 20 9.67 14.06 -41.22
C ILE B 20 9.18 12.66 -41.52
N ASN B 21 9.35 12.20 -42.77
CA ASN B 21 8.99 10.80 -43.07
C ASN B 21 9.83 9.82 -42.25
N ARG B 22 11.12 10.10 -42.12
CA ARG B 22 11.98 9.27 -41.26
C ARG B 22 11.50 9.27 -39.81
N GLN B 23 11.12 10.45 -39.30
CA GLN B 23 10.67 10.53 -37.90
C GLN B 23 9.35 9.79 -37.70
N ILE B 24 8.47 9.84 -38.69
CA ILE B 24 7.23 9.06 -38.62
C ILE B 24 7.55 7.58 -38.46
N ASN B 25 8.47 7.07 -39.28
CA ASN B 25 8.83 5.66 -39.12
C ASN B 25 9.43 5.40 -37.74
N LEU B 26 10.25 6.32 -37.24
CA LEU B 26 10.89 6.12 -35.94
C LEU B 26 9.87 6.07 -34.80
N GLU B 27 8.88 6.96 -34.83
CA GLU B 27 7.82 6.92 -33.81
C GLU B 27 7.03 5.62 -33.88
N LEU B 28 6.68 5.19 -35.10
CA LEU B 28 5.99 3.90 -35.23
C LEU B 28 6.83 2.76 -34.67
N TYR B 29 8.14 2.81 -34.89
CA TYR B 29 9.02 1.78 -34.36
C TYR B 29 9.00 1.78 -32.84
N ALA B 30 9.08 2.96 -32.22
CA ALA B 30 9.03 3.04 -30.77
C ALA B 30 7.72 2.48 -30.22
N SER B 31 6.62 2.77 -30.92
CA SER B 31 5.33 2.18 -30.56
C SER B 31 5.39 0.66 -30.57
N TYR B 32 6.04 0.09 -31.59
CA TYR B 32 6.16 -1.37 -31.69
C TYR B 32 7.00 -1.95 -30.55
N VAL B 33 8.13 -1.31 -30.25
CA VAL B 33 8.98 -1.73 -29.14
C VAL B 33 8.18 -1.77 -27.84
N TYR B 34 7.41 -0.70 -27.58
CA TYR B 34 6.65 -0.64 -26.33
C TYR B 34 5.56 -1.69 -26.29
N LEU B 35 4.90 -1.95 -27.43
CA LEU B 35 3.90 -3.02 -27.47
C LEU B 35 4.53 -4.36 -27.12
N SER B 36 5.72 -4.63 -27.66
CA SER B 36 6.36 -5.91 -27.37
C SER B 36 6.70 -6.04 -25.89
N MET B 37 7.27 -4.99 -25.29
CA MET B 37 7.55 -5.04 -23.85
C MET B 37 6.29 -5.24 -23.03
N SER B 38 5.22 -4.51 -23.39
CA SER B 38 3.95 -4.63 -22.68
C SER B 38 3.51 -6.08 -22.61
N TYR B 39 3.43 -6.72 -23.77
CA TYR B 39 2.94 -8.10 -23.72
C TYR B 39 4.00 -9.09 -23.25
N TYR B 40 5.28 -8.69 -23.14
CA TYR B 40 6.21 -9.52 -22.40
C TYR B 40 5.83 -9.59 -20.92
N PHE B 41 5.44 -8.46 -20.34
CA PHE B 41 5.09 -8.53 -18.92
C PHE B 41 3.72 -9.15 -18.66
N ASP B 42 2.94 -9.45 -19.69
CA ASP B 42 1.67 -10.14 -19.57
C ASP B 42 1.82 -11.66 -19.60
N ARG B 43 3.03 -12.18 -19.80
CA ARG B 43 3.25 -13.62 -19.83
C ARG B 43 2.96 -14.26 -18.47
N ASP B 44 2.48 -15.50 -18.50
CA ASP B 44 2.15 -16.18 -17.24
C ASP B 44 3.39 -16.38 -16.37
N ASP B 45 4.58 -16.43 -16.98
CA ASP B 45 5.82 -16.62 -16.26
C ASP B 45 6.53 -15.31 -15.93
N VAL B 46 5.88 -14.18 -16.18
CA VAL B 46 6.42 -12.87 -15.82
C VAL B 46 5.39 -12.18 -14.93
N ALA B 47 4.23 -11.87 -15.50
CA ALA B 47 3.01 -11.58 -14.74
C ALA B 47 3.13 -10.33 -13.87
N LEU B 48 3.66 -9.25 -14.47
CA LEU B 48 3.70 -7.94 -13.82
C LEU B 48 2.76 -7.02 -14.61
N LYS B 49 1.50 -6.94 -14.15
CA LYS B 49 0.46 -6.33 -14.98
C LYS B 49 0.55 -4.80 -15.04
N ASN B 50 1.18 -4.17 -14.05
CA ASN B 50 1.35 -2.72 -14.12
C ASN B 50 2.52 -2.32 -15.01
N PHE B 51 3.59 -3.13 -15.04
CA PHE B 51 4.60 -2.97 -16.09
C PHE B 51 3.96 -3.09 -17.46
N ALA B 52 3.14 -4.13 -17.65
CA ALA B 52 2.49 -4.35 -18.94
C ALA B 52 1.64 -3.14 -19.34
N LYS B 53 0.85 -2.61 -18.40
CA LYS B 53 -0.03 -1.49 -18.76
C LYS B 53 0.75 -0.19 -18.96
N TYR B 54 1.79 0.03 -18.17
CA TYR B 54 2.65 1.20 -18.38
C TYR B 54 3.23 1.20 -19.79
N PHE B 55 3.76 0.05 -20.24
CA PHE B 55 4.34 0.00 -21.56
C PHE B 55 3.27 0.03 -22.67
N LEU B 56 2.07 -0.50 -22.41
CA LEU B 56 1.01 -0.36 -23.40
C LEU B 56 0.61 1.11 -23.57
N HIS B 57 0.56 1.85 -22.47
CA HIS B 57 0.26 3.28 -22.56
C HIS B 57 1.35 4.02 -23.34
N GLN B 58 2.62 3.68 -23.10
CA GLN B 58 3.70 4.27 -23.90
C GLN B 58 3.52 3.95 -25.38
N SER B 59 3.15 2.71 -25.71
CA SER B 59 2.90 2.32 -27.09
C SER B 59 1.83 3.21 -27.73
N HIS B 60 0.70 3.38 -27.06
CA HIS B 60 -0.39 4.17 -27.64
C HIS B 60 0.01 5.64 -27.80
N GLU B 61 0.82 6.16 -26.87
CA GLU B 61 1.27 7.55 -27.01
C GLU B 61 2.23 7.71 -28.19
N GLU B 62 3.11 6.73 -28.41
CA GLU B 62 4.04 6.81 -29.54
C GLU B 62 3.28 6.77 -30.86
N ARG B 63 2.28 5.90 -30.97
CA ARG B 63 1.42 5.92 -32.16
C ARG B 63 0.74 7.28 -32.33
N GLU B 64 0.32 7.90 -31.22
CA GLU B 64 -0.26 9.24 -31.32
C GLU B 64 0.73 10.25 -31.90
N HIS B 65 1.98 10.22 -31.42
CA HIS B 65 2.99 11.15 -31.93
C HIS B 65 3.28 10.92 -33.41
N ALA B 66 3.30 9.66 -33.84
CA ALA B 66 3.48 9.37 -35.26
C ALA B 66 2.34 9.96 -36.09
N GLU B 67 1.10 9.84 -35.60
CA GLU B 67 -0.03 10.40 -36.33
C GLU B 67 0.03 11.93 -36.38
N LYS B 68 0.54 12.54 -35.31
CA LYS B 68 0.72 14.00 -35.31
C LYS B 68 1.78 14.42 -36.32
N LEU B 69 2.85 13.63 -36.46
CA LEU B 69 3.86 13.96 -37.46
C LEU B 69 3.29 13.81 -38.87
N MET B 70 2.46 12.80 -39.10
CA MET B 70 1.80 12.66 -40.40
C MET B 70 0.90 13.87 -40.69
N LYS B 71 0.14 14.30 -39.68
CA LYS B 71 -0.70 15.47 -39.85
C LYS B 71 0.13 16.71 -40.18
N LEU B 72 1.25 16.90 -39.48
CA LEU B 72 2.15 18.01 -39.78
C LEU B 72 2.62 17.95 -41.23
N GLN B 73 3.05 16.77 -41.67
CA GLN B 73 3.53 16.59 -43.03
C GLN B 73 2.49 17.05 -44.04
N ASN B 74 1.25 16.59 -43.87
CA ASN B 74 0.18 17.04 -44.76
C ASN B 74 -0.12 18.53 -44.60
N GLN B 75 0.08 19.08 -43.39
CA GLN B 75 -0.21 20.50 -43.18
C GLN B 75 0.74 21.38 -43.96
N ARG B 76 2.01 21.00 -44.03
CA ARG B 76 3.01 21.82 -44.71
C ARG B 76 3.07 21.55 -46.20
N GLY B 77 2.28 20.60 -46.70
CA GLY B 77 2.25 20.33 -48.12
C GLY B 77 3.28 19.34 -48.60
N GLY B 78 3.95 18.63 -47.70
CA GLY B 78 4.77 17.50 -48.10
C GLY B 78 3.92 16.27 -48.27
N ARG B 79 4.57 15.20 -48.76
CA ARG B 79 3.88 13.96 -49.07
C ARG B 79 4.41 12.85 -48.17
N ILE B 80 3.48 12.10 -47.58
CA ILE B 80 3.83 11.04 -46.63
C ILE B 80 4.28 9.81 -47.40
N PHE B 81 5.42 9.25 -47.00
CA PHE B 81 5.91 8.00 -47.57
C PHE B 81 6.28 7.07 -46.43
N LEU B 82 5.52 6.00 -46.26
CA LEU B 82 5.72 5.09 -45.14
C LEU B 82 6.68 3.97 -45.53
N GLN B 83 7.36 3.45 -44.51
CA GLN B 83 8.30 2.35 -44.68
C GLN B 83 7.94 1.25 -43.69
N ASP B 84 8.58 0.08 -43.85
CA ASP B 84 8.35 -1.04 -42.95
C ASP B 84 8.61 -0.62 -41.51
N ILE B 85 7.79 -1.14 -40.59
CA ILE B 85 8.06 -0.99 -39.16
C ILE B 85 8.83 -2.24 -38.74
N GLN B 86 10.09 -2.04 -38.34
CA GLN B 86 10.94 -3.17 -37.99
C GLN B 86 10.52 -3.78 -36.66
N LYS B 87 10.57 -5.09 -36.57
CA LYS B 87 10.34 -5.74 -35.30
C LYS B 87 11.43 -5.31 -34.31
N PRO B 88 11.14 -5.32 -33.02
CA PRO B 88 12.15 -4.92 -32.03
C PRO B 88 13.34 -5.88 -32.01
N ASP B 89 14.41 -5.41 -31.37
CA ASP B 89 15.66 -6.16 -31.31
C ASP B 89 15.61 -7.34 -30.34
N GLU B 90 14.57 -7.46 -29.52
CA GLU B 90 14.41 -8.60 -28.64
C GLU B 90 12.95 -9.04 -28.61
N ASP B 91 12.76 -10.34 -28.40
CA ASP B 91 11.44 -10.89 -28.10
C ASP B 91 11.24 -11.13 -26.61
N ASP B 92 12.33 -11.27 -25.87
CA ASP B 92 12.34 -11.53 -24.43
C ASP B 92 13.06 -10.37 -23.75
N TRP B 93 12.38 -9.65 -22.87
CA TRP B 93 12.93 -8.43 -22.29
C TRP B 93 13.53 -8.65 -20.90
N GLU B 94 13.67 -9.91 -20.47
CA GLU B 94 14.40 -10.34 -19.28
C GLU B 94 13.78 -9.91 -17.95
N SER B 95 13.51 -8.61 -17.75
CA SER B 95 13.03 -8.15 -16.44
C SER B 95 12.50 -6.74 -16.56
N GLY B 96 11.86 -6.27 -15.48
CA GLY B 96 11.33 -4.92 -15.46
C GLY B 96 12.42 -3.86 -15.54
N LEU B 97 13.51 -4.07 -14.80
CA LEU B 97 14.62 -3.12 -14.84
C LEU B 97 15.26 -3.10 -16.23
N ASN B 98 15.46 -4.27 -16.83
CA ASN B 98 16.05 -4.32 -18.17
C ASN B 98 15.14 -3.64 -19.19
N ALA B 99 13.82 -3.83 -19.06
CA ALA B 99 12.90 -3.17 -19.96
C ALA B 99 12.96 -1.65 -19.79
N MET B 100 13.00 -1.17 -18.54
CA MET B 100 13.11 0.27 -18.31
C MET B 100 14.41 0.83 -18.89
N GLU B 101 15.52 0.08 -18.76
CA GLU B 101 16.79 0.54 -19.30
C GLU B 101 16.75 0.62 -20.82
N ALA B 102 16.21 -0.43 -21.46
CA ALA B 102 16.05 -0.41 -22.92
C ALA B 102 15.15 0.74 -23.36
N ALA B 103 14.10 1.03 -22.59
CA ALA B 103 13.19 2.12 -22.95
C ALA B 103 13.89 3.47 -22.83
N LEU B 104 14.72 3.63 -21.80
CA LEU B 104 15.50 4.86 -21.67
C LEU B 104 16.46 5.03 -22.85
N HIS B 105 17.12 3.94 -23.25
CA HIS B 105 18.00 3.99 -24.42
C HIS B 105 17.22 4.39 -25.68
N LEU B 106 16.08 3.75 -25.90
CA LEU B 106 15.24 4.06 -27.05
C LEU B 106 14.83 5.53 -27.04
N GLU B 107 14.39 6.03 -25.89
CA GLU B 107 13.92 7.40 -25.80
C GLU B 107 15.05 8.39 -26.06
N LYS B 108 16.27 8.08 -25.58
CA LYS B 108 17.39 8.98 -25.85
C LYS B 108 17.76 8.97 -27.34
N ASN B 109 17.65 7.81 -28.00
CA ASN B 109 17.95 7.79 -29.43
CA ASN B 109 17.94 7.77 -29.43
C ASN B 109 16.91 8.57 -30.22
N VAL B 110 15.63 8.46 -29.84
CA VAL B 110 14.58 9.23 -30.49
C VAL B 110 14.77 10.72 -30.23
N ASN B 111 15.19 11.08 -29.01
CA ASN B 111 15.44 12.48 -28.69
C ASN B 111 16.59 13.03 -29.52
N GLN B 112 17.63 12.21 -29.73
CA GLN B 112 18.73 12.65 -30.58
CA GLN B 112 18.74 12.65 -30.58
C GLN B 112 18.27 12.90 -32.01
N SER B 113 17.45 11.99 -32.55
CA SER B 113 16.95 12.20 -33.90
C SER B 113 16.03 13.43 -33.98
N LEU B 114 15.27 13.71 -32.91
CA LEU B 114 14.45 14.92 -32.88
C LEU B 114 15.30 16.18 -32.82
N LEU B 115 16.41 16.14 -32.08
CA LEU B 115 17.31 17.29 -32.05
C LEU B 115 17.95 17.52 -33.41
N GLU B 116 18.29 16.44 -34.12
CA GLU B 116 18.80 16.60 -35.47
C GLU B 116 17.75 17.23 -36.40
N LEU B 117 16.49 16.83 -36.24
CA LEU B 117 15.43 17.45 -37.04
C LEU B 117 15.25 18.93 -36.69
N HIS B 118 15.41 19.27 -35.41
CA HIS B 118 15.27 20.68 -35.05
C HIS B 118 16.43 21.51 -35.61
N LYS B 119 17.63 20.94 -35.61
CA LYS B 119 18.76 21.64 -36.21
C LYS B 119 18.56 21.79 -37.72
N LEU B 120 17.97 20.78 -38.36
CA LEU B 120 17.65 20.89 -39.78
C LEU B 120 16.63 22.01 -40.04
N ALA B 121 15.58 22.09 -39.21
CA ALA B 121 14.61 23.16 -39.37
C ALA B 121 15.27 24.53 -39.20
N THR B 122 16.17 24.65 -38.23
CA THR B 122 16.88 25.91 -38.01
C THR B 122 17.78 26.27 -39.19
N ASP B 123 18.51 25.28 -39.72
CA ASP B 123 19.44 25.54 -40.83
C ASP B 123 18.71 25.92 -42.11
N LYS B 124 17.49 25.40 -42.31
CA LYS B 124 16.68 25.77 -43.46
C LYS B 124 15.74 26.93 -43.18
N ASN B 125 15.96 27.65 -42.08
CA ASN B 125 15.16 28.82 -41.71
C ASN B 125 13.67 28.51 -41.77
N ASP B 126 13.28 27.43 -41.08
CA ASP B 126 11.89 27.01 -41.01
C ASP B 126 11.40 27.19 -39.58
N PRO B 127 10.98 28.41 -39.20
CA PRO B 127 10.61 28.64 -37.80
C PRO B 127 9.35 27.91 -37.37
N HIS B 128 8.41 27.68 -38.29
CA HIS B 128 7.21 26.95 -37.91
C HIS B 128 7.54 25.49 -37.58
N LEU B 129 8.39 24.85 -38.39
CA LEU B 129 8.77 23.46 -38.11
C LEU B 129 9.56 23.36 -36.81
N ALA B 130 10.52 24.27 -36.60
CA ALA B 130 11.27 24.26 -35.34
C ALA B 130 10.35 24.46 -34.15
N ASP B 131 9.39 25.37 -34.26
CA ASP B 131 8.49 25.61 -33.13
C ASP B 131 7.59 24.40 -32.88
N PHE B 132 7.09 23.77 -33.94
CA PHE B 132 6.32 22.55 -33.79
C PHE B 132 7.12 21.49 -33.04
N ILE B 133 8.37 21.27 -33.46
CA ILE B 133 9.23 20.28 -32.79
C ILE B 133 9.43 20.64 -31.33
N GLU B 134 9.62 21.93 -31.03
CA GLU B 134 9.82 22.36 -29.65
C GLU B 134 8.57 22.12 -28.80
N THR B 135 7.41 22.56 -29.28
CA THR B 135 6.23 22.56 -28.44
C THR B 135 5.65 21.16 -28.27
N HIS B 136 5.75 20.30 -29.28
CA HIS B 136 5.08 19.01 -29.20
C HIS B 136 6.01 17.83 -28.98
N TYR B 137 7.33 18.03 -28.88
CA TYR B 137 8.20 16.87 -28.83
C TYR B 137 9.36 16.99 -27.84
N LEU B 138 10.10 18.09 -27.87
CA LEU B 138 11.35 18.15 -27.10
C LEU B 138 11.10 18.04 -25.59
N ASN B 139 10.17 18.84 -25.06
CA ASN B 139 9.91 18.76 -23.62
C ASN B 139 9.30 17.42 -23.25
N GLU B 140 8.44 16.87 -24.10
CA GLU B 140 7.91 15.54 -23.84
C GLU B 140 9.02 14.51 -23.74
N GLN B 141 10.03 14.62 -24.61
CA GLN B 141 11.16 13.70 -24.57
C GLN B 141 11.96 13.87 -23.29
N VAL B 142 12.22 15.12 -22.89
CA VAL B 142 12.93 15.36 -21.64
C VAL B 142 12.18 14.75 -20.46
N LYS B 143 10.85 14.90 -20.45
CA LYS B 143 10.07 14.36 -19.34
C LYS B 143 10.10 12.84 -19.33
N ALA B 144 9.90 12.21 -20.49
CA ALA B 144 9.96 10.76 -20.56
C ALA B 144 11.31 10.23 -20.09
N ILE B 145 12.40 10.88 -20.51
CA ILE B 145 13.72 10.41 -20.14
C ILE B 145 13.96 10.58 -18.65
N LYS B 146 13.53 11.72 -18.08
CA LYS B 146 13.67 11.91 -16.64
C LYS B 146 12.88 10.85 -15.87
N GLU B 147 11.68 10.52 -16.34
CA GLU B 147 10.85 9.52 -15.65
C GLU B 147 11.47 8.13 -15.74
N LEU B 148 12.00 7.76 -16.91
CA LEU B 148 12.63 6.44 -17.05
C LEU B 148 13.89 6.35 -16.22
N GLY B 149 14.68 7.42 -16.16
CA GLY B 149 15.82 7.45 -15.26
C GLY B 149 15.42 7.28 -13.81
N ASP B 150 14.36 7.98 -13.39
CA ASP B 150 13.82 7.81 -12.04
C ASP B 150 13.47 6.35 -11.76
N HIS B 151 12.74 5.72 -12.69
CA HIS B 151 12.29 4.35 -12.47
C HIS B 151 13.47 3.39 -12.38
N VAL B 152 14.45 3.56 -13.27
CA VAL B 152 15.67 2.73 -13.23
C VAL B 152 16.38 2.91 -11.89
N THR B 153 16.50 4.15 -11.43
CA THR B 153 17.17 4.41 -10.17
C THR B 153 16.47 3.70 -9.02
N ASN B 154 15.14 3.80 -8.98
CA ASN B 154 14.40 3.15 -7.90
C ASN B 154 14.52 1.63 -7.98
N LEU B 155 14.43 1.08 -9.19
CA LEU B 155 14.49 -0.37 -9.33
C LEU B 155 15.85 -0.92 -8.94
N ARG B 156 16.93 -0.21 -9.29
CA ARG B 156 18.24 -0.63 -8.84
C ARG B 156 18.38 -0.50 -7.33
N CYS B 157 17.97 0.65 -6.78
CA CYS B 157 18.07 0.86 -5.33
C CYS B 157 17.27 -0.16 -4.54
N MET B 158 16.16 -0.65 -5.10
CA MET B 158 15.37 -1.67 -4.44
C MET B 158 15.98 -3.07 -4.51
N GLY B 159 17.05 -3.24 -5.28
CA GLY B 159 17.69 -4.52 -5.40
C GLY B 159 17.33 -5.33 -6.62
N ALA B 160 16.58 -4.77 -7.56
CA ALA B 160 16.33 -5.46 -8.82
C ALA B 160 17.61 -5.51 -9.64
N PRO B 161 17.75 -6.51 -10.53
CA PRO B 161 16.80 -7.56 -10.88
C PRO B 161 17.00 -8.85 -10.11
N GLU B 162 17.96 -8.85 -9.18
CA GLU B 162 18.19 -10.04 -8.36
C GLU B 162 16.99 -10.33 -7.47
N SER B 163 16.36 -9.29 -6.93
CA SER B 163 15.24 -9.44 -6.00
C SER B 163 13.93 -9.34 -6.77
N GLY B 164 13.22 -10.46 -6.89
CA GLY B 164 11.91 -10.44 -7.49
C GLY B 164 10.88 -9.71 -6.65
N LEU B 165 11.09 -9.70 -5.33
CA LEU B 165 10.27 -8.87 -4.45
C LEU B 165 10.35 -7.40 -4.84
N ALA B 166 11.54 -6.94 -5.26
CA ALA B 166 11.70 -5.55 -5.65
C ALA B 166 10.82 -5.20 -6.84
N GLU B 167 10.84 -6.04 -7.88
CA GLU B 167 10.03 -5.73 -9.05
C GLU B 167 8.55 -5.88 -8.75
N TYR B 168 8.18 -6.84 -7.89
CA TYR B 168 6.79 -6.97 -7.47
C TYR B 168 6.30 -5.69 -6.77
N LEU B 169 7.08 -5.20 -5.79
CA LEU B 169 6.65 -4.04 -5.01
C LEU B 169 6.69 -2.77 -5.84
N PHE B 170 7.66 -2.63 -6.74
CA PHE B 170 7.71 -1.46 -7.61
C PHE B 170 6.53 -1.46 -8.57
N ASP B 171 6.19 -2.62 -9.13
CA ASP B 171 4.99 -2.74 -9.94
C ASP B 171 3.75 -2.33 -9.16
N LYS B 172 3.68 -2.68 -7.88
CA LYS B 172 2.49 -2.33 -7.09
C LYS B 172 2.45 -0.83 -6.74
N HIS B 173 3.55 -0.30 -6.20
CA HIS B 173 3.51 0.98 -5.52
C HIS B 173 3.88 2.17 -6.40
N THR B 174 4.70 1.96 -7.42
CA THR B 174 5.01 3.02 -8.37
C THR B 174 4.15 2.94 -9.63
N LEU B 175 4.13 1.79 -10.30
CA LEU B 175 3.38 1.68 -11.55
C LEU B 175 1.91 1.37 -11.34
N GLY B 176 1.49 1.00 -10.14
CA GLY B 176 0.10 0.70 -9.88
C GLY B 176 -0.68 1.90 -9.38
N SER C 4 -29.08 -5.01 54.67
CA SER C 4 -30.31 -4.23 54.68
C SER C 4 -31.22 -4.63 53.53
N THR C 5 -30.64 -5.34 52.55
CA THR C 5 -31.33 -5.88 51.38
C THR C 5 -31.91 -4.79 50.49
N SER C 6 -31.47 -4.74 49.24
CA SER C 6 -31.97 -3.77 48.30
C SER C 6 -33.38 -4.15 47.83
N GLN C 7 -34.21 -3.13 47.58
CA GLN C 7 -35.58 -3.37 47.15
C GLN C 7 -35.68 -4.12 45.83
N VAL C 8 -34.60 -4.19 45.05
CA VAL C 8 -34.63 -4.82 43.74
C VAL C 8 -33.97 -6.17 43.71
N ARG C 9 -33.22 -6.55 44.76
CA ARG C 9 -32.41 -7.75 44.72
C ARG C 9 -33.29 -9.00 44.67
N GLN C 10 -32.97 -9.90 43.74
CA GLN C 10 -33.70 -11.16 43.61
C GLN C 10 -32.77 -12.19 42.97
N ASN C 11 -32.58 -13.32 43.66
CA ASN C 11 -31.79 -14.45 43.15
C ASN C 11 -30.35 -14.05 42.85
N TYR C 12 -29.78 -13.13 43.63
CA TYR C 12 -28.43 -12.62 43.40
C TYR C 12 -27.57 -12.95 44.60
N HIS C 13 -26.61 -13.86 44.41
CA HIS C 13 -25.87 -14.41 45.53
C HIS C 13 -24.73 -13.49 45.96
N GLN C 14 -24.47 -13.47 47.26
CA GLN C 14 -23.32 -12.74 47.79
C GLN C 14 -22.05 -13.07 47.03
N ASP C 15 -21.82 -14.36 46.77
CA ASP C 15 -20.62 -14.77 46.02
C ASP C 15 -20.61 -14.14 44.62
N SER C 16 -21.77 -14.08 43.96
CA SER C 16 -21.85 -13.45 42.65
C SER C 16 -21.51 -11.97 42.72
N GLU C 17 -22.06 -11.27 43.72
CA GLU C 17 -21.78 -9.84 43.89
C GLU C 17 -20.29 -9.60 44.10
N ALA C 18 -19.66 -10.39 44.97
CA ALA C 18 -18.23 -10.27 45.20
C ALA C 18 -17.43 -10.53 43.92
N ALA C 19 -17.82 -11.58 43.18
CA ALA C 19 -17.10 -11.91 41.95
C ALA C 19 -17.26 -10.82 40.91
N ILE C 20 -18.42 -10.16 40.88
CA ILE C 20 -18.63 -9.07 39.93
C ILE C 20 -17.73 -7.89 40.27
N ASN C 21 -17.62 -7.56 41.56
CA ASN C 21 -16.65 -6.53 41.96
C ASN C 21 -15.23 -6.89 41.52
N ARG C 22 -14.83 -8.16 41.72
CA ARG C 22 -13.52 -8.60 41.28
C ARG C 22 -13.33 -8.42 39.78
N GLN C 23 -14.34 -8.79 39.00
CA GLN C 23 -14.23 -8.67 37.54
C GLN C 23 -14.15 -7.20 37.11
N ILE C 24 -14.90 -6.33 37.79
CA ILE C 24 -14.78 -4.89 37.51
C ILE C 24 -13.33 -4.45 37.66
N ASN C 25 -12.70 -4.85 38.76
CA ASN C 25 -11.30 -4.46 38.95
C ASN C 25 -10.41 -5.04 37.88
N LEU C 26 -10.67 -6.30 37.47
CA LEU C 26 -9.84 -6.93 36.44
C LEU C 26 -9.96 -6.21 35.11
N GLU C 27 -11.17 -5.77 34.74
CA GLU C 27 -11.36 -5.03 33.49
C GLU C 27 -10.67 -3.67 33.54
N LEU C 28 -10.77 -2.97 34.68
CA LEU C 28 -10.05 -1.72 34.83
C LEU C 28 -8.53 -1.93 34.67
N TYR C 29 -8.01 -3.00 35.25
CA TYR C 29 -6.59 -3.32 35.11
C TYR C 29 -6.22 -3.58 33.65
N ALA C 30 -7.06 -4.34 32.93
CA ALA C 30 -6.77 -4.60 31.51
C ALA C 30 -6.75 -3.30 30.72
N SER C 31 -7.67 -2.39 31.02
CA SER C 31 -7.67 -1.08 30.35
C SER C 31 -6.36 -0.35 30.61
N TYR C 32 -5.89 -0.37 31.87
CA TYR C 32 -4.62 0.25 32.23
C TYR C 32 -3.44 -0.37 31.46
N VAL C 33 -3.43 -1.71 31.35
CA VAL C 33 -2.34 -2.39 30.63
C VAL C 33 -2.31 -1.95 29.17
N TYR C 34 -3.48 -1.95 28.51
CA TYR C 34 -3.52 -1.52 27.12
C TYR C 34 -3.13 -0.07 26.95
N LEU C 35 -3.46 0.79 27.93
CA LEU C 35 -3.05 2.19 27.84
C LEU C 35 -1.53 2.32 27.91
N SER C 36 -0.91 1.56 28.81
CA SER C 36 0.55 1.52 28.89
C SER C 36 1.15 1.11 27.55
N MET C 37 0.63 0.04 26.96
CA MET C 37 1.16 -0.43 25.67
C MET C 37 1.02 0.63 24.59
N SER C 38 -0.17 1.23 24.50
CA SER C 38 -0.42 2.29 23.53
C SER C 38 0.65 3.36 23.61
N TYR C 39 0.80 3.98 24.78
CA TYR C 39 1.76 5.08 24.81
C TYR C 39 3.20 4.60 24.82
N TYR C 40 3.45 3.30 24.97
CA TYR C 40 4.78 2.79 24.65
C TYR C 40 5.06 2.92 23.16
N PHE C 41 4.09 2.55 22.32
CA PHE C 41 4.36 2.62 20.88
C PHE C 41 4.33 4.05 20.34
N ASP C 42 3.95 5.03 21.16
CA ASP C 42 3.98 6.45 20.84
C ASP C 42 5.36 7.07 21.06
N ARG C 43 6.29 6.36 21.68
CA ARG C 43 7.61 6.91 21.99
C ARG C 43 8.36 7.25 20.69
N ASP C 44 9.22 8.28 20.77
CA ASP C 44 9.98 8.67 19.59
C ASP C 44 10.95 7.58 19.13
N ASP C 45 11.34 6.68 20.03
CA ASP C 45 12.27 5.60 19.70
C ASP C 45 11.57 4.28 19.45
N VAL C 46 10.26 4.29 19.24
CA VAL C 46 9.49 3.13 18.82
C VAL C 46 8.69 3.54 17.60
N ALA C 47 7.79 4.51 17.80
CA ALA C 47 7.21 5.32 16.72
C ALA C 47 6.37 4.49 15.74
N LEU C 48 5.52 3.62 16.29
CA LEU C 48 4.60 2.80 15.50
C LEU C 48 3.18 3.25 15.85
N LYS C 49 2.67 4.20 15.05
CA LYS C 49 1.45 4.91 15.42
C LYS C 49 0.21 4.02 15.39
N ASN C 50 0.18 3.00 14.52
CA ASN C 50 -1.01 2.18 14.43
C ASN C 50 -1.08 1.13 15.53
N PHE C 51 0.07 0.61 15.98
CA PHE C 51 0.10 -0.16 17.23
C PHE C 51 -0.44 0.67 18.39
N ALA C 52 0.02 1.93 18.48
CA ALA C 52 -0.44 2.82 19.55
C ALA C 52 -1.95 2.99 19.51
N LYS C 53 -2.50 3.25 18.33
CA LYS C 53 -3.94 3.45 18.21
C LYS C 53 -4.71 2.17 18.50
N TYR C 54 -4.20 1.02 18.03
CA TYR C 54 -4.85 -0.26 18.29
C TYR C 54 -4.98 -0.51 19.79
N PHE C 55 -3.88 -0.31 20.53
CA PHE C 55 -3.94 -0.57 21.97
C PHE C 55 -4.74 0.48 22.72
N LEU C 56 -4.74 1.74 22.25
CA LEU C 56 -5.61 2.74 22.87
C LEU C 56 -7.08 2.38 22.70
N HIS C 57 -7.45 1.91 21.50
CA HIS C 57 -8.81 1.45 21.27
C HIS C 57 -9.18 0.30 22.21
N GLN C 58 -8.27 -0.68 22.32
CA GLN C 58 -8.53 -1.78 23.28
C GLN C 58 -8.71 -1.25 24.69
N SER C 59 -7.93 -0.24 25.08
CA SER C 59 -8.01 0.26 26.45
C SER C 59 -9.37 0.90 26.72
N HIS C 60 -9.85 1.71 25.77
CA HIS C 60 -11.17 2.31 25.94
C HIS C 60 -12.28 1.26 25.93
N GLU C 61 -12.11 0.20 25.12
CA GLU C 61 -13.09 -0.89 25.15
C GLU C 61 -13.13 -1.59 26.50
N GLU C 62 -11.96 -1.81 27.11
CA GLU C 62 -11.94 -2.45 28.41
C GLU C 62 -12.59 -1.56 29.48
N ARG C 63 -12.36 -0.25 29.39
CA ARG C 63 -13.07 0.68 30.29
C ARG C 63 -14.58 0.55 30.13
N GLU C 64 -15.07 0.51 28.88
CA GLU C 64 -16.50 0.34 28.68
C GLU C 64 -17.01 -0.96 29.29
N HIS C 65 -16.23 -2.04 29.19
CA HIS C 65 -16.63 -3.30 29.83
C HIS C 65 -16.74 -3.16 31.34
N ALA C 66 -15.76 -2.50 31.95
CA ALA C 66 -15.82 -2.27 33.40
C ALA C 66 -17.09 -1.51 33.78
N GLU C 67 -17.40 -0.45 33.04
CA GLU C 67 -18.59 0.33 33.35
C GLU C 67 -19.86 -0.49 33.17
N LYS C 68 -19.88 -1.38 32.17
CA LYS C 68 -21.05 -2.23 31.98
C LYS C 68 -21.24 -3.19 33.15
N LEU C 69 -20.14 -3.71 33.69
CA LEU C 69 -20.27 -4.57 34.88
C LEU C 69 -20.73 -3.78 36.09
N MET C 70 -20.30 -2.52 36.21
CA MET C 70 -20.79 -1.68 37.30
C MET C 70 -22.30 -1.45 37.17
N LYS C 71 -22.76 -1.20 35.93
CA LYS C 71 -24.19 -1.07 35.67
C LYS C 71 -24.94 -2.35 36.04
N LEU C 72 -24.38 -3.52 35.69
CA LEU C 72 -25.03 -4.79 36.04
C LEU C 72 -25.14 -4.94 37.55
N GLN C 73 -24.05 -4.65 38.26
CA GLN C 73 -24.03 -4.72 39.72
C GLN C 73 -25.16 -3.89 40.31
N ASN C 74 -25.33 -2.66 39.82
CA ASN C 74 -26.41 -1.83 40.33
C ASN C 74 -27.78 -2.34 39.91
N GLN C 75 -27.88 -2.94 38.71
CA GLN C 75 -29.16 -3.49 38.26
C GLN C 75 -29.64 -4.60 39.16
N ARG C 76 -28.73 -5.45 39.62
CA ARG C 76 -29.10 -6.61 40.43
C ARG C 76 -29.26 -6.29 41.90
N GLY C 77 -28.92 -5.09 42.33
CA GLY C 77 -29.01 -4.73 43.73
C GLY C 77 -27.76 -4.96 44.53
N GLY C 78 -26.67 -5.40 43.90
CA GLY C 78 -25.40 -5.47 44.58
C GLY C 78 -24.83 -4.09 44.81
N ARG C 79 -23.72 -4.05 45.54
CA ARG C 79 -23.06 -2.79 45.88
C ARG C 79 -21.64 -2.79 45.34
N ILE C 80 -21.33 -1.78 44.52
CA ILE C 80 -20.00 -1.67 43.93
C ILE C 80 -18.99 -1.32 45.02
N PHE C 81 -17.89 -2.07 45.06
CA PHE C 81 -16.76 -1.74 45.90
C PHE C 81 -15.50 -1.81 45.04
N LEU C 82 -14.86 -0.66 44.84
CA LEU C 82 -13.70 -0.57 43.96
C LEU C 82 -12.42 -0.76 44.77
N GLN C 83 -11.38 -1.23 44.10
CA GLN C 83 -10.07 -1.40 44.68
C GLN C 83 -9.04 -0.72 43.80
N ASP C 84 -7.81 -0.66 44.32
CA ASP C 84 -6.71 -0.10 43.55
C ASP C 84 -6.58 -0.79 42.21
N ILE C 85 -6.35 -0.01 41.17
CA ILE C 85 -5.98 -0.53 39.87
C ILE C 85 -4.46 -0.63 39.84
N GLN C 86 -3.94 -1.86 39.90
CA GLN C 86 -2.51 -2.06 39.94
C GLN C 86 -1.87 -1.65 38.62
N LYS C 87 -0.66 -1.11 38.71
CA LYS C 87 0.08 -0.75 37.52
C LYS C 87 0.47 -2.01 36.73
N PRO C 88 0.63 -1.90 35.41
CA PRO C 88 1.03 -3.07 34.61
C PRO C 88 2.39 -3.61 35.04
N ASP C 89 2.64 -4.85 34.61
CA ASP C 89 3.87 -5.55 35.01
C ASP C 89 5.10 -5.01 34.29
N GLU C 90 4.94 -4.28 33.19
CA GLU C 90 6.06 -3.71 32.45
C GLU C 90 5.81 -2.22 32.20
N ASP C 91 6.90 -1.48 32.06
CA ASP C 91 6.87 -0.13 31.52
C ASP C 91 7.35 -0.09 30.07
N ASP C 92 8.24 -1.00 29.71
CA ASP C 92 8.77 -1.15 28.36
C ASP C 92 8.23 -2.46 27.79
N TRP C 93 7.51 -2.37 26.68
CA TRP C 93 6.87 -3.56 26.10
C TRP C 93 7.69 -4.16 24.97
N GLU C 94 8.87 -3.60 24.69
CA GLU C 94 9.93 -4.27 23.96
C GLU C 94 9.68 -4.31 22.45
N SER C 95 8.54 -4.80 21.99
CA SER C 95 8.31 -4.88 20.55
C SER C 95 6.82 -5.02 20.29
N GLY C 96 6.45 -4.85 19.00
CA GLY C 96 5.07 -5.08 18.62
C GLY C 96 4.65 -6.53 18.82
N LEU C 97 5.52 -7.47 18.43
CA LEU C 97 5.23 -8.89 18.62
C LEU C 97 5.10 -9.21 20.11
N ASN C 98 6.02 -8.70 20.93
CA ASN C 98 5.97 -8.98 22.37
C ASN C 98 4.72 -8.38 23.00
N ALA C 99 4.32 -7.18 22.57
CA ALA C 99 3.10 -6.59 23.10
C ALA C 99 1.88 -7.39 22.70
N MET C 100 1.83 -7.87 21.45
CA MET C 100 0.71 -8.71 21.05
C MET C 100 0.67 -10.00 21.85
N GLU C 101 1.84 -10.59 22.13
CA GLU C 101 1.88 -11.82 22.92
C GLU C 101 1.41 -11.58 24.35
N ALA C 102 1.83 -10.46 24.94
CA ALA C 102 1.39 -10.13 26.30
C ALA C 102 -0.12 -9.86 26.34
N ALA C 103 -0.65 -9.21 25.30
CA ALA C 103 -2.08 -8.99 25.23
C ALA C 103 -2.83 -10.31 25.09
N LEU C 104 -2.29 -11.25 24.31
CA LEU C 104 -2.93 -12.56 24.20
C LEU C 104 -2.97 -13.27 25.55
N HIS C 105 -1.86 -13.24 26.28
CA HIS C 105 -1.82 -13.82 27.63
C HIS C 105 -2.84 -13.16 28.55
N LEU C 106 -2.89 -11.83 28.55
CA LEU C 106 -3.83 -11.09 29.38
C LEU C 106 -5.28 -11.43 29.04
N GLU C 107 -5.59 -11.48 27.75
CA GLU C 107 -6.96 -11.79 27.33
C GLU C 107 -7.34 -13.21 27.72
N LYS C 108 -6.40 -14.16 27.65
CA LYS C 108 -6.75 -15.51 28.07
C LYS C 108 -6.98 -15.58 29.57
N ASN C 109 -6.22 -14.81 30.36
CA ASN C 109 -6.46 -14.79 31.80
C ASN C 109 -7.82 -14.17 32.14
N VAL C 110 -8.17 -13.08 31.46
CA VAL C 110 -9.49 -12.47 31.66
C VAL C 110 -10.60 -13.43 31.22
N ASN C 111 -10.35 -14.19 30.16
CA ASN C 111 -11.33 -15.17 29.71
C ASN C 111 -11.53 -16.26 30.76
N GLN C 112 -10.43 -16.73 31.36
CA GLN C 112 -10.54 -17.74 32.41
C GLN C 112 -11.34 -17.20 33.59
N SER C 113 -11.11 -15.94 33.95
CA SER C 113 -11.89 -15.33 35.03
C SER C 113 -13.37 -15.30 34.68
N LEU C 114 -13.71 -14.91 33.45
CA LEU C 114 -15.11 -14.88 33.02
C LEU C 114 -15.72 -16.28 33.02
N LEU C 115 -14.93 -17.30 32.67
CA LEU C 115 -15.45 -18.66 32.67
C LEU C 115 -15.74 -19.12 34.10
N GLU C 116 -14.87 -18.78 35.04
CA GLU C 116 -15.16 -19.07 36.45
C GLU C 116 -16.40 -18.32 36.92
N LEU C 117 -16.58 -17.07 36.45
CA LEU C 117 -17.76 -16.29 36.83
C LEU C 117 -19.04 -16.93 36.29
N HIS C 118 -19.00 -17.45 35.06
CA HIS C 118 -20.16 -18.13 34.50
C HIS C 118 -20.44 -19.43 35.24
N LYS C 119 -19.38 -20.18 35.59
CA LYS C 119 -19.55 -21.38 36.39
C LYS C 119 -20.21 -21.06 37.72
N LEU C 120 -19.79 -19.96 38.36
CA LEU C 120 -20.37 -19.59 39.65
C LEU C 120 -21.83 -19.18 39.49
N ALA C 121 -22.16 -18.42 38.45
CA ALA C 121 -23.56 -18.07 38.20
C ALA C 121 -24.40 -19.33 37.97
N THR C 122 -23.86 -20.30 37.24
CA THR C 122 -24.58 -21.53 36.95
C THR C 122 -24.79 -22.37 38.22
N ASP C 123 -23.75 -22.47 39.06
CA ASP C 123 -23.85 -23.21 40.30
C ASP C 123 -24.83 -22.56 41.26
N LYS C 124 -24.96 -21.24 41.22
CA LYS C 124 -25.91 -20.52 42.06
C LYS C 124 -27.29 -20.43 41.44
N ASN C 125 -27.51 -21.11 40.31
CA ASN C 125 -28.80 -21.09 39.61
C ASN C 125 -29.24 -19.66 39.32
N ASP C 126 -28.33 -18.89 38.69
CA ASP C 126 -28.58 -17.51 38.33
C ASP C 126 -28.58 -17.38 36.80
N PRO C 127 -29.70 -17.70 36.14
CA PRO C 127 -29.70 -17.66 34.67
C PRO C 127 -29.51 -16.25 34.10
N HIS C 128 -29.99 -15.21 34.78
CA HIS C 128 -29.79 -13.86 34.25
C HIS C 128 -28.31 -13.50 34.20
N LEU C 129 -27.57 -13.78 35.27
CA LEU C 129 -26.16 -13.44 35.30
C LEU C 129 -25.36 -14.26 34.28
N ALA C 130 -25.66 -15.56 34.18
CA ALA C 130 -24.98 -16.40 33.21
C ALA C 130 -25.24 -15.92 31.78
N ASP C 131 -26.48 -15.52 31.49
CA ASP C 131 -26.78 -15.06 30.14
C ASP C 131 -26.13 -13.71 29.87
N PHE C 132 -26.08 -12.83 30.87
CA PHE C 132 -25.32 -11.59 30.74
C PHE C 132 -23.88 -11.86 30.37
N ILE C 133 -23.24 -12.80 31.10
CA ILE C 133 -21.86 -13.17 30.83
C ILE C 133 -21.71 -13.65 29.39
N GLU C 134 -22.52 -14.62 28.98
CA GLU C 134 -22.43 -15.16 27.62
C GLU C 134 -22.63 -14.07 26.58
N THR C 135 -23.65 -13.24 26.77
CA THR C 135 -24.05 -12.29 25.74
C THR C 135 -23.01 -11.21 25.54
N HIS C 136 -22.46 -10.66 26.64
CA HIS C 136 -21.61 -9.49 26.51
C HIS C 136 -20.12 -9.78 26.62
N TYR C 137 -19.72 -10.95 27.08
CA TYR C 137 -18.29 -11.11 27.34
C TYR C 137 -17.65 -12.33 26.67
N LEU C 138 -18.33 -13.48 26.67
CA LEU C 138 -17.68 -14.72 26.25
C LEU C 138 -17.24 -14.65 24.78
N ASN C 139 -18.17 -14.35 23.87
CA ASN C 139 -17.83 -14.35 22.46
C ASN C 139 -16.86 -13.22 22.12
N GLU C 140 -17.00 -12.08 22.80
CA GLU C 140 -16.05 -10.99 22.58
C GLU C 140 -14.64 -11.40 22.97
N GLN C 141 -14.51 -12.13 24.08
CA GLN C 141 -13.20 -12.66 24.48
C GLN C 141 -12.67 -13.65 23.44
N VAL C 142 -13.53 -14.56 22.97
CA VAL C 142 -13.07 -15.55 21.99
C VAL C 142 -12.57 -14.87 20.73
N LYS C 143 -13.29 -13.84 20.25
CA LYS C 143 -12.85 -13.15 19.03
C LYS C 143 -11.59 -12.33 19.28
N ALA C 144 -11.50 -11.67 20.44
CA ALA C 144 -10.27 -10.94 20.77
C ALA C 144 -9.07 -11.87 20.79
N ILE C 145 -9.22 -13.06 21.37
CA ILE C 145 -8.12 -14.02 21.44
C ILE C 145 -7.75 -14.52 20.05
N LYS C 146 -8.76 -14.81 19.23
CA LYS C 146 -8.48 -15.24 17.86
C LYS C 146 -7.71 -14.17 17.09
N GLU C 147 -8.12 -12.90 17.23
CA GLU C 147 -7.47 -11.82 16.50
C GLU C 147 -6.04 -11.62 16.99
N LEU C 148 -5.82 -11.71 18.30
CA LEU C 148 -4.46 -11.57 18.82
C LEU C 148 -3.57 -12.71 18.33
N GLY C 149 -4.11 -13.94 18.28
CA GLY C 149 -3.36 -15.04 17.72
C GLY C 149 -3.01 -14.82 16.26
N ASP C 150 -3.98 -14.36 15.46
CA ASP C 150 -3.71 -14.03 14.07
C ASP C 150 -2.55 -13.03 13.95
N HIS C 151 -2.62 -11.95 14.73
CA HIS C 151 -1.58 -10.92 14.66
C HIS C 151 -0.21 -11.48 15.05
N VAL C 152 -0.16 -12.27 16.12
CA VAL C 152 1.10 -12.85 16.56
C VAL C 152 1.67 -13.77 15.49
N THR C 153 0.81 -14.57 14.87
CA THR C 153 1.24 -15.47 13.80
C THR C 153 1.84 -14.70 12.64
N ASN C 154 1.14 -13.67 12.17
CA ASN C 154 1.65 -12.91 11.04
C ASN C 154 2.95 -12.21 11.39
N LEU C 155 3.04 -11.62 12.59
CA LEU C 155 4.26 -10.96 13.00
C LEU C 155 5.44 -11.93 13.04
N ARG C 156 5.22 -13.14 13.57
CA ARG C 156 6.28 -14.14 13.59
C ARG C 156 6.67 -14.56 12.18
N CYS C 157 5.68 -14.80 11.31
CA CYS C 157 5.96 -15.23 9.96
C CYS C 157 6.76 -14.20 9.18
N MET C 158 6.54 -12.91 9.46
CA MET C 158 7.21 -11.84 8.74
C MET C 158 8.66 -11.63 9.18
N GLY C 159 9.06 -12.21 10.31
CA GLY C 159 10.40 -12.04 10.83
C GLY C 159 10.52 -11.19 12.09
N ALA C 160 9.39 -10.78 12.68
CA ALA C 160 9.43 -10.00 13.91
C ALA C 160 9.88 -10.87 15.07
N PRO C 161 10.54 -10.28 16.10
CA PRO C 161 10.83 -8.84 16.23
C PRO C 161 12.21 -8.43 15.71
N GLU C 162 13.01 -9.40 15.25
CA GLU C 162 14.35 -9.08 14.76
C GLU C 162 14.31 -8.16 13.54
N SER C 163 13.28 -8.27 12.71
CA SER C 163 13.13 -7.45 11.52
C SER C 163 12.25 -6.25 11.86
N GLY C 164 12.85 -5.06 11.92
CA GLY C 164 12.06 -3.84 12.08
C GLY C 164 11.22 -3.53 10.86
N LEU C 165 11.68 -3.97 9.68
CA LEU C 165 10.88 -3.84 8.47
C LEU C 165 9.56 -4.57 8.61
N ALA C 166 9.57 -5.74 9.24
CA ALA C 166 8.36 -6.52 9.42
C ALA C 166 7.35 -5.79 10.28
N GLU C 167 7.79 -5.29 11.44
CA GLU C 167 6.86 -4.60 12.34
C GLU C 167 6.35 -3.31 11.70
N TYR C 168 7.21 -2.60 10.98
CA TYR C 168 6.77 -1.40 10.25
C TYR C 168 5.68 -1.74 9.23
N LEU C 169 5.93 -2.77 8.41
CA LEU C 169 4.96 -3.13 7.37
C LEU C 169 3.67 -3.65 7.98
N PHE C 170 3.76 -4.37 9.10
CA PHE C 170 2.56 -4.88 9.76
C PHE C 170 1.75 -3.72 10.34
N ASP C 171 2.42 -2.78 10.99
CA ASP C 171 1.75 -1.59 11.50
C ASP C 171 1.05 -0.83 10.37
N LYS C 172 1.62 -0.84 9.18
CA LYS C 172 0.99 -0.11 8.08
C LYS C 172 -0.18 -0.89 7.46
N HIS C 173 0.05 -2.16 7.12
CA HIS C 173 -0.85 -2.93 6.27
C HIS C 173 -1.94 -3.67 7.03
N THR C 174 -1.69 -4.06 8.28
CA THR C 174 -2.71 -4.74 9.08
C THR C 174 -3.40 -3.82 10.08
N LEU C 175 -2.64 -3.10 10.90
CA LEU C 175 -3.23 -2.18 11.86
C LEU C 175 -3.47 -0.79 11.30
N GLY C 176 -3.21 -0.55 10.02
CA GLY C 176 -3.40 0.77 9.43
C GLY C 176 -4.70 0.92 8.66
N THR D 5 12.16 57.02 17.00
CA THR D 5 11.39 55.93 17.58
C THR D 5 9.97 55.92 17.01
N SER D 6 9.34 54.74 17.02
CA SER D 6 8.08 54.55 16.34
C SER D 6 6.90 54.93 17.23
N GLN D 7 5.85 55.49 16.60
CA GLN D 7 4.67 55.93 17.33
C GLN D 7 3.95 54.78 18.04
N VAL D 8 4.25 53.52 17.67
CA VAL D 8 3.58 52.37 18.28
C VAL D 8 4.45 51.63 19.29
N ARG D 9 5.74 51.96 19.40
CA ARG D 9 6.65 51.18 20.22
C ARG D 9 6.33 51.34 21.70
N GLN D 10 6.24 50.20 22.40
CA GLN D 10 5.93 50.20 23.82
C GLN D 10 6.48 48.93 24.43
N ASN D 11 7.36 49.07 25.43
CA ASN D 11 7.92 47.94 26.18
C ASN D 11 8.66 46.98 25.26
N TYR D 12 9.35 47.52 24.27
CA TYR D 12 10.05 46.74 23.25
C TYR D 12 11.53 47.11 23.29
N HIS D 13 12.33 46.24 23.92
CA HIS D 13 13.75 46.49 24.10
C HIS D 13 14.51 46.40 22.77
N GLN D 14 15.64 47.11 22.74
CA GLN D 14 16.54 47.04 21.57
C GLN D 14 17.05 45.62 21.35
N ASP D 15 17.43 44.94 22.43
CA ASP D 15 17.94 43.57 22.32
C ASP D 15 16.88 42.64 21.74
N SER D 16 15.62 42.86 22.10
CA SER D 16 14.54 42.04 21.53
C SER D 16 14.41 42.28 20.03
N GLU D 17 14.45 43.54 19.61
CA GLU D 17 14.43 43.88 18.19
C GLU D 17 15.54 43.18 17.43
N ALA D 18 16.76 43.21 17.99
CA ALA D 18 17.89 42.57 17.33
C ALA D 18 17.73 41.05 17.29
N ALA D 19 17.28 40.45 18.39
CA ALA D 19 17.08 39.01 18.42
C ALA D 19 16.03 38.58 17.41
N ILE D 20 15.01 39.40 17.20
CA ILE D 20 13.98 39.09 16.22
C ILE D 20 14.56 39.15 14.81
N ASN D 21 15.39 40.16 14.51
CA ASN D 21 16.04 40.19 13.20
C ASN D 21 16.91 38.96 12.97
N ARG D 22 17.66 38.55 14.01
CA ARG D 22 18.46 37.33 13.91
C ARG D 22 17.58 36.11 13.64
N GLN D 23 16.44 36.02 14.32
CA GLN D 23 15.54 34.88 14.14
C GLN D 23 14.94 34.88 12.73
N ILE D 24 14.64 36.06 12.20
CA ILE D 24 14.15 36.15 10.82
C ILE D 24 15.17 35.54 9.86
N ASN D 25 16.43 35.94 10.01
CA ASN D 25 17.47 35.34 9.16
C ASN D 25 17.54 33.83 9.37
N LEU D 26 17.38 33.36 10.61
CA LEU D 26 17.50 31.92 10.87
C LEU D 26 16.37 31.13 10.22
N GLU D 27 15.15 31.64 10.28
CA GLU D 27 14.02 30.97 9.63
C GLU D 27 14.21 30.95 8.12
N LEU D 28 14.69 32.06 7.54
CA LEU D 28 14.98 32.05 6.11
C LEU D 28 16.06 31.03 5.75
N TYR D 29 17.08 30.89 6.61
CA TYR D 29 18.11 29.89 6.41
C TYR D 29 17.53 28.48 6.41
N ALA D 30 16.66 28.18 7.38
CA ALA D 30 16.05 26.86 7.44
C ALA D 30 15.20 26.60 6.20
N SER D 31 14.48 27.61 5.72
CA SER D 31 13.74 27.46 4.46
C SER D 31 14.68 27.11 3.31
N TYR D 32 15.84 27.77 3.24
CA TYR D 32 16.81 27.46 2.19
C TYR D 32 17.30 26.02 2.29
N VAL D 33 17.63 25.59 3.50
CA VAL D 33 18.12 24.22 3.70
C VAL D 33 17.08 23.20 3.25
N TYR D 34 15.82 23.44 3.63
CA TYR D 34 14.77 22.50 3.26
C TYR D 34 14.54 22.48 1.75
N LEU D 35 14.66 23.65 1.10
CA LEU D 35 14.56 23.70 -0.36
C LEU D 35 15.64 22.87 -1.01
N SER D 36 16.88 22.97 -0.49
CA SER D 36 17.99 22.22 -1.06
C SER D 36 17.77 20.72 -0.89
N MET D 37 17.33 20.28 0.30
CA MET D 37 17.03 18.87 0.52
C MET D 37 15.94 18.39 -0.44
N SER D 38 14.86 19.16 -0.53
CA SER D 38 13.76 18.78 -1.42
C SER D 38 14.29 18.51 -2.82
N TYR D 39 15.03 19.46 -3.38
CA TYR D 39 15.43 19.22 -4.77
C TYR D 39 16.58 18.23 -4.89
N TYR D 40 17.28 17.92 -3.80
CA TYR D 40 18.16 16.75 -3.84
C TYR D 40 17.37 15.48 -4.08
N PHE D 41 16.21 15.33 -3.42
CA PHE D 41 15.46 14.10 -3.64
C PHE D 41 14.69 14.09 -4.96
N ASP D 42 14.78 15.15 -5.77
CA ASP D 42 14.21 15.21 -7.10
C ASP D 42 15.21 14.83 -8.20
N ARG D 43 16.48 14.64 -7.84
CA ARG D 43 17.49 14.21 -8.81
C ARG D 43 17.12 12.86 -9.42
N ASP D 44 17.58 12.63 -10.65
CA ASP D 44 17.23 11.38 -11.32
C ASP D 44 17.92 10.17 -10.69
N ASP D 45 19.01 10.38 -9.95
CA ASP D 45 19.72 9.27 -9.31
C ASP D 45 19.35 9.10 -7.83
N VAL D 46 18.32 9.79 -7.36
CA VAL D 46 17.77 9.56 -6.03
C VAL D 46 16.30 9.21 -6.20
N ALA D 47 15.52 10.15 -6.74
CA ALA D 47 14.18 9.90 -7.26
C ALA D 47 13.23 9.36 -6.18
N LEU D 48 13.18 10.07 -5.06
CA LEU D 48 12.23 9.77 -3.98
C LEU D 48 11.29 10.97 -3.88
N LYS D 49 10.13 10.86 -4.55
CA LYS D 49 9.25 12.00 -4.76
C LYS D 49 8.64 12.52 -3.46
N ASN D 50 8.29 11.63 -2.54
CA ASN D 50 7.58 12.08 -1.35
C ASN D 50 8.52 12.69 -0.32
N PHE D 51 9.79 12.26 -0.28
CA PHE D 51 10.80 13.00 0.45
C PHE D 51 10.93 14.43 -0.08
N ALA D 52 10.93 14.58 -1.40
CA ALA D 52 11.08 15.89 -2.01
C ALA D 52 9.89 16.78 -1.66
N LYS D 53 8.68 16.24 -1.80
CA LYS D 53 7.48 16.98 -1.44
C LYS D 53 7.48 17.37 0.04
N TYR D 54 7.84 16.43 0.92
CA TYR D 54 7.88 16.69 2.35
C TYR D 54 8.81 17.87 2.67
N PHE D 55 10.03 17.82 2.15
CA PHE D 55 10.98 18.89 2.47
C PHE D 55 10.60 20.21 1.81
N LEU D 56 9.95 20.17 0.64
CA LEU D 56 9.48 21.42 0.03
C LEU D 56 8.38 22.06 0.89
N HIS D 57 7.49 21.23 1.43
CA HIS D 57 6.47 21.74 2.35
C HIS D 57 7.12 22.39 3.56
N GLN D 58 8.12 21.73 4.15
CA GLN D 58 8.83 22.34 5.28
C GLN D 58 9.46 23.67 4.88
N SER D 59 10.05 23.75 3.67
CA SER D 59 10.72 24.98 3.24
C SER D 59 9.73 26.14 3.18
N HIS D 60 8.56 25.90 2.58
CA HIS D 60 7.53 26.95 2.52
C HIS D 60 7.03 27.30 3.92
N GLU D 61 6.93 26.31 4.81
CA GLU D 61 6.50 26.61 6.18
C GLU D 61 7.49 27.54 6.88
N GLU D 62 8.79 27.28 6.72
CA GLU D 62 9.77 28.14 7.36
C GLU D 62 9.75 29.55 6.76
N ARG D 63 9.51 29.66 5.45
CA ARG D 63 9.32 30.98 4.86
C ARG D 63 8.13 31.71 5.51
N GLU D 64 7.03 30.98 5.74
CA GLU D 64 5.89 31.57 6.43
C GLU D 64 6.26 32.04 7.84
N HIS D 65 7.07 31.25 8.55
CA HIS D 65 7.50 31.65 9.89
CA HIS D 65 7.48 31.67 9.89
C HIS D 65 8.35 32.92 9.85
N ALA D 66 9.24 33.01 8.87
CA ALA D 66 10.07 34.22 8.73
C ALA D 66 9.20 35.45 8.49
N GLU D 67 8.21 35.32 7.60
CA GLU D 67 7.33 36.46 7.32
C GLU D 67 6.52 36.84 8.55
N LYS D 68 6.09 35.84 9.34
CA LYS D 68 5.37 36.15 10.57
C LYS D 68 6.26 36.92 11.54
N LEU D 69 7.55 36.57 11.61
CA LEU D 69 8.45 37.32 12.49
C LEU D 69 8.65 38.75 12.00
N MET D 70 8.70 38.94 10.67
CA MET D 70 8.79 40.30 10.14
C MET D 70 7.55 41.10 10.48
N LYS D 71 6.38 40.45 10.40
CA LYS D 71 5.14 41.12 10.77
C LYS D 71 5.13 41.51 12.25
N LEU D 72 5.67 40.64 13.11
CA LEU D 72 5.78 40.96 14.53
C LEU D 72 6.71 42.15 14.75
N GLN D 73 7.87 42.14 14.08
CA GLN D 73 8.79 43.27 14.20
C GLN D 73 8.10 44.58 13.86
N ASN D 74 7.35 44.59 12.74
CA ASN D 74 6.62 45.80 12.37
C ASN D 74 5.51 46.13 13.38
N GLN D 75 4.87 45.11 13.98
CA GLN D 75 3.78 45.37 14.90
C GLN D 75 4.27 46.06 16.17
N ARG D 76 5.43 45.64 16.67
CA ARG D 76 5.97 46.22 17.89
C ARG D 76 6.78 47.49 17.65
N GLY D 77 6.93 47.92 16.40
CA GLY D 77 7.60 49.15 16.11
C GLY D 77 9.10 49.05 15.93
N GLY D 78 9.66 47.84 15.91
CA GLY D 78 11.04 47.65 15.55
C GLY D 78 11.23 47.80 14.05
N ARG D 79 12.48 47.77 13.63
CA ARG D 79 12.83 47.93 12.23
C ARG D 79 13.51 46.68 11.71
N ILE D 80 13.01 46.17 10.58
CA ILE D 80 13.55 44.97 9.96
C ILE D 80 14.88 45.29 9.28
N PHE D 81 15.90 44.48 9.57
CA PHE D 81 17.19 44.57 8.88
C PHE D 81 17.57 43.17 8.41
N LEU D 82 17.54 42.98 7.09
CA LEU D 82 17.82 41.68 6.47
C LEU D 82 19.31 41.49 6.26
N GLN D 83 19.75 40.23 6.33
CA GLN D 83 21.12 39.85 6.06
C GLN D 83 21.14 38.79 4.98
N ASP D 84 22.33 38.49 4.49
CA ASP D 84 22.50 37.41 3.53
C ASP D 84 21.95 36.11 4.10
N ILE D 85 21.30 35.32 3.25
CA ILE D 85 20.86 33.98 3.60
C ILE D 85 21.99 33.01 3.21
N GLN D 86 22.66 32.44 4.21
CA GLN D 86 23.77 31.55 3.94
C GLN D 86 23.29 30.30 3.22
N LYS D 87 24.08 29.86 2.24
CA LYS D 87 23.77 28.62 1.55
C LYS D 87 23.86 27.45 2.54
N PRO D 88 23.09 26.38 2.34
CA PRO D 88 23.17 25.23 3.23
C PRO D 88 24.57 24.64 3.26
N ASP D 89 24.85 23.89 4.32
CA ASP D 89 26.20 23.35 4.52
C ASP D 89 26.53 22.24 3.53
N GLU D 90 25.53 21.56 2.98
CA GLU D 90 25.74 20.51 2.00
C GLU D 90 24.98 20.81 0.72
N ASP D 91 25.51 20.29 -0.39
CA ASP D 91 24.76 20.22 -1.64
C ASP D 91 24.22 18.83 -1.91
N ASP D 92 24.84 17.81 -1.32
CA ASP D 92 24.48 16.40 -1.50
C ASP D 92 24.07 15.86 -0.14
N TRP D 93 22.81 15.42 -0.01
CA TRP D 93 22.27 15.03 1.28
C TRP D 93 22.28 13.52 1.51
N GLU D 94 23.00 12.76 0.66
CA GLU D 94 23.40 11.39 0.96
C GLU D 94 22.26 10.38 0.90
N SER D 95 21.19 10.59 1.67
CA SER D 95 20.08 9.63 1.71
C SER D 95 18.91 10.26 2.47
N GLY D 96 17.77 9.55 2.45
CA GLY D 96 16.61 10.03 3.18
C GLY D 96 16.84 10.07 4.68
N LEU D 97 17.47 9.03 5.23
CA LEU D 97 17.74 8.99 6.65
C LEU D 97 18.70 10.10 7.07
N ASN D 98 19.77 10.29 6.29
CA ASN D 98 20.73 11.34 6.60
C ASN D 98 20.06 12.71 6.57
N ALA D 99 19.19 12.94 5.58
CA ALA D 99 18.50 14.22 5.48
C ALA D 99 17.54 14.43 6.65
N MET D 100 16.83 13.38 7.07
CA MET D 100 15.96 13.51 8.24
C MET D 100 16.77 13.82 9.49
N GLU D 101 17.95 13.21 9.62
CA GLU D 101 18.79 13.49 10.79
C GLU D 101 19.31 14.92 10.78
N ALA D 102 19.71 15.41 9.60
CA ALA D 102 20.16 16.79 9.50
C ALA D 102 19.02 17.76 9.78
N ALA D 103 17.80 17.42 9.35
CA ALA D 103 16.64 18.26 9.65
C ALA D 103 16.35 18.26 11.15
N LEU D 104 16.50 17.11 11.81
CA LEU D 104 16.30 17.05 13.26
C LEU D 104 17.30 17.95 13.98
N HIS D 105 18.57 17.86 13.59
CA HIS D 105 19.60 18.72 14.19
C HIS D 105 19.32 20.20 13.93
N LEU D 106 18.86 20.53 12.71
CA LEU D 106 18.55 21.91 12.38
C LEU D 106 17.39 22.43 13.22
N GLU D 107 16.33 21.62 13.37
CA GLU D 107 15.19 22.03 14.17
C GLU D 107 15.56 22.19 15.63
N LYS D 108 16.48 21.35 16.14
CA LYS D 108 16.92 21.52 17.51
C LYS D 108 17.70 22.82 17.68
N ASN D 109 18.56 23.16 16.71
CA ASN D 109 19.27 24.43 16.79
CA ASN D 109 19.28 24.43 16.77
C ASN D 109 18.31 25.61 16.77
N VAL D 110 17.31 25.56 15.88
CA VAL D 110 16.33 26.64 15.79
C VAL D 110 15.53 26.75 17.09
N ASN D 111 15.17 25.60 17.68
CA ASN D 111 14.45 25.60 18.94
C ASN D 111 15.30 26.23 20.04
N GLN D 112 16.60 25.93 20.07
CA GLN D 112 17.49 26.56 21.05
C GLN D 112 17.49 28.08 20.90
N SER D 113 17.56 28.57 19.65
CA SER D 113 17.50 30.00 19.43
CA SER D 113 17.50 30.00 19.43
C SER D 113 16.18 30.58 19.93
N LEU D 114 15.07 29.90 19.65
CA LEU D 114 13.78 30.41 20.10
C LEU D 114 13.69 30.44 21.63
N LEU D 115 14.28 29.44 22.29
CA LEU D 115 14.27 29.42 23.75
C LEU D 115 15.10 30.56 24.32
N GLU D 116 16.24 30.85 23.69
CA GLU D 116 17.01 32.02 24.11
C GLU D 116 16.22 33.30 23.91
N LEU D 117 15.47 33.39 22.80
CA LEU D 117 14.62 34.56 22.56
C LEU D 117 13.56 34.69 23.65
N HIS D 118 12.94 33.58 24.03
CA HIS D 118 11.90 33.62 25.06
C HIS D 118 12.48 34.04 26.41
N LYS D 119 13.65 33.49 26.78
CA LYS D 119 14.30 33.90 28.01
C LYS D 119 14.64 35.38 27.99
N LEU D 120 15.08 35.89 26.82
CA LEU D 120 15.34 37.32 26.70
C LEU D 120 14.07 38.14 26.88
N ALA D 121 12.96 37.65 26.31
CA ALA D 121 11.68 38.34 26.46
C ALA D 121 11.27 38.42 27.93
N THR D 122 11.33 37.30 28.64
CA THR D 122 10.95 37.33 30.06
C THR D 122 11.95 38.13 30.89
N ASP D 123 13.23 38.15 30.50
CA ASP D 123 14.20 38.99 31.19
C ASP D 123 13.87 40.47 31.03
N LYS D 124 13.36 40.85 29.86
CA LYS D 124 13.01 42.24 29.57
C LYS D 124 11.58 42.58 29.96
N ASN D 125 10.88 41.69 30.65
CA ASN D 125 9.50 41.91 31.07
C ASN D 125 8.62 42.30 29.88
N ASP D 126 8.73 41.50 28.81
CA ASP D 126 7.96 41.68 27.60
C ASP D 126 6.99 40.52 27.45
N PRO D 127 5.88 40.52 28.18
CA PRO D 127 4.98 39.36 28.14
C PRO D 127 4.33 39.12 26.79
N HIS D 128 4.12 40.19 26.00
CA HIS D 128 3.53 39.98 24.68
C HIS D 128 4.48 39.19 23.77
N LEU D 129 5.77 39.53 23.79
CA LEU D 129 6.73 38.82 22.94
C LEU D 129 6.92 37.38 23.41
N ALA D 130 7.00 37.16 24.72
CA ALA D 130 7.11 35.81 25.24
C ALA D 130 5.90 34.97 24.86
N ASP D 131 4.69 35.54 24.96
CA ASP D 131 3.51 34.78 24.57
C ASP D 131 3.46 34.54 23.07
N PHE D 132 3.91 35.50 22.27
CA PHE D 132 4.00 35.28 20.82
C PHE D 132 4.90 34.09 20.51
N ILE D 133 6.08 34.04 21.16
CA ILE D 133 6.99 32.92 20.96
C ILE D 133 6.36 31.60 21.41
N GLU D 134 5.67 31.62 22.58
CA GLU D 134 5.02 30.41 23.08
C GLU D 134 3.96 29.92 22.10
N THR D 135 3.12 30.83 21.61
CA THR D 135 1.95 30.43 20.83
C THR D 135 2.34 29.95 19.44
N HIS D 136 3.24 30.67 18.76
CA HIS D 136 3.45 30.40 17.35
C HIS D 136 4.71 29.61 17.03
N TYR D 137 5.56 29.30 18.02
CA TYR D 137 6.85 28.73 17.68
C TYR D 137 7.25 27.55 18.56
N LEU D 138 7.02 27.64 19.87
CA LEU D 138 7.54 26.61 20.78
C LEU D 138 6.89 25.26 20.53
N ASN D 139 5.55 25.21 20.52
CA ASN D 139 4.90 23.92 20.33
C ASN D 139 5.08 23.39 18.92
N GLU D 140 5.08 24.29 17.93
CA GLU D 140 5.37 23.87 16.56
C GLU D 140 6.75 23.24 16.45
N GLN D 141 7.74 23.82 17.13
CA GLN D 141 9.08 23.26 17.11
C GLN D 141 9.14 21.91 17.82
N VAL D 142 8.48 21.80 18.98
CA VAL D 142 8.46 20.52 19.68
C VAL D 142 7.81 19.44 18.83
N LYS D 143 6.70 19.78 18.17
CA LYS D 143 6.01 18.79 17.32
C LYS D 143 6.87 18.40 16.13
N ALA D 144 7.55 19.38 15.51
CA ALA D 144 8.42 19.06 14.39
C ALA D 144 9.57 18.16 14.82
N ILE D 145 10.18 18.45 15.97
CA ILE D 145 11.27 17.63 16.48
C ILE D 145 10.79 16.21 16.76
N LYS D 146 9.59 16.08 17.34
CA LYS D 146 9.03 14.76 17.61
C LYS D 146 8.78 13.98 16.32
N GLU D 147 8.18 14.64 15.33
CA GLU D 147 7.89 13.96 14.06
C GLU D 147 9.18 13.54 13.35
N LEU D 148 10.19 14.41 13.36
CA LEU D 148 11.46 14.06 12.73
C LEU D 148 12.16 12.92 13.46
N GLY D 149 12.07 12.90 14.80
CA GLY D 149 12.60 11.77 15.54
C GLY D 149 11.89 10.46 15.21
N ASP D 150 10.56 10.53 15.08
CA ASP D 150 9.79 9.37 14.64
C ASP D 150 10.27 8.87 13.28
N HIS D 151 10.45 9.80 12.34
CA HIS D 151 10.90 9.43 11.00
C HIS D 151 12.26 8.75 11.04
N VAL D 152 13.20 9.35 11.80
CA VAL D 152 14.54 8.78 11.92
C VAL D 152 14.48 7.36 12.50
N THR D 153 13.68 7.20 13.56
CA THR D 153 13.55 5.89 14.22
C THR D 153 13.03 4.86 13.24
N ASN D 154 11.97 5.19 12.50
CA ASN D 154 11.41 4.23 11.56
C ASN D 154 12.39 3.91 10.44
N LEU D 155 13.08 4.91 9.90
CA LEU D 155 14.03 4.64 8.82
C LEU D 155 15.16 3.74 9.29
N ARG D 156 15.69 3.99 10.49
CA ARG D 156 16.76 3.15 11.00
C ARG D 156 16.26 1.73 11.25
N CYS D 157 15.11 1.59 11.90
CA CYS D 157 14.56 0.27 12.20
C CYS D 157 14.28 -0.54 10.92
N MET D 158 13.93 0.12 9.82
CA MET D 158 13.67 -0.58 8.57
C MET D 158 14.95 -1.01 7.86
N GLY D 159 16.11 -0.51 8.27
CA GLY D 159 17.36 -0.85 7.62
C GLY D 159 18.00 0.25 6.79
N ALA D 160 17.44 1.46 6.80
CA ALA D 160 18.06 2.57 6.10
C ALA D 160 19.39 2.92 6.78
N PRO D 161 20.34 3.51 6.03
CA PRO D 161 20.25 3.82 4.60
C PRO D 161 20.79 2.68 3.73
N GLU D 162 21.35 1.65 4.37
CA GLU D 162 21.96 0.54 3.63
C GLU D 162 20.94 -0.15 2.72
N SER D 163 19.70 -0.28 3.19
CA SER D 163 18.65 -0.90 2.40
C SER D 163 17.93 0.19 1.61
N GLY D 164 18.09 0.16 0.28
CA GLY D 164 17.33 1.07 -0.57
C GLY D 164 15.85 0.76 -0.56
N LEU D 165 15.50 -0.53 -0.39
CA LEU D 165 14.10 -0.91 -0.25
C LEU D 165 13.46 -0.22 0.94
N ALA D 166 14.21 -0.03 2.03
CA ALA D 166 13.66 0.60 3.22
C ALA D 166 13.27 2.05 2.94
N GLU D 167 14.16 2.81 2.28
CA GLU D 167 13.85 4.20 1.98
C GLU D 167 12.73 4.31 0.97
N TYR D 168 12.70 3.41 -0.02
CA TYR D 168 11.60 3.40 -0.99
C TYR D 168 10.25 3.14 -0.32
N LEU D 169 10.21 2.17 0.61
CA LEU D 169 8.96 1.84 1.26
C LEU D 169 8.54 2.92 2.25
N PHE D 170 9.49 3.50 2.97
CA PHE D 170 9.17 4.63 3.85
C PHE D 170 8.63 5.80 3.05
N ASP D 171 9.25 6.09 1.91
CA ASP D 171 8.78 7.17 1.04
C ASP D 171 7.36 6.92 0.56
N LYS D 172 7.04 5.66 0.25
CA LYS D 172 5.68 5.36 -0.21
C LYS D 172 4.65 5.37 0.93
N HIS D 173 4.97 4.72 2.05
CA HIS D 173 3.96 4.37 3.05
C HIS D 173 3.83 5.38 4.18
N THR D 174 4.87 6.14 4.49
CA THR D 174 4.80 7.16 5.52
C THR D 174 4.65 8.56 4.94
N LEU D 175 5.50 8.92 3.98
CA LEU D 175 5.46 10.26 3.40
C LEU D 175 4.50 10.38 2.23
N GLY D 176 4.04 9.27 1.69
CA GLY D 176 3.11 9.30 0.57
C GLY D 176 1.65 9.38 1.00
#